data_3NSW
#
_entry.id   3NSW
#
_cell.length_a   52.212
_cell.length_b   52.212
_cell.length_c   345.263
_cell.angle_alpha   90.00
_cell.angle_beta   90.00
_cell.angle_gamma   90.00
#
_symmetry.space_group_name_H-M   'P 43'
#
loop_
_entity.id
_entity.type
_entity.pdbx_description
1 polymer 'Excretory-secretory protein 2'
2 non-polymer (4S)-2-METHYL-2,4-PENTANEDIOL
3 non-polymer '4-(2-HYDROXYETHYL)-1-PIPERAZINE ETHANESULFONIC ACID'
4 water water
#
_entity_poly.entity_id   1
_entity_poly.type   'polypeptide(L)'
_entity_poly.pdbx_seq_one_letter_code
;GSHMEYCPKMLSEIRQEDINDVETVAYVTVTGKTARSYNLQYWRLYDVPKTAPSQWPSFGTLRDDCGNIQLTADTDYVLG
CKSGNQDCFVKLHDGLSQKEKDLLKE
;
_entity_poly.pdbx_strand_id   A,B,C,D,E,F,G
#
loop_
_chem_comp.id
_chem_comp.type
_chem_comp.name
_chem_comp.formula
EPE non-polymer '4-(2-HYDROXYETHYL)-1-PIPERAZINE ETHANESULFONIC ACID' 'C8 H18 N2 O4 S'
MPD non-polymer (4S)-2-METHYL-2,4-PENTANEDIOL 'C6 H14 O2'
#
# COMPACT_ATOMS: atom_id res chain seq x y z
N GLY A 1 -19.73 -25.31 9.44
CA GLY A 1 -18.72 -26.31 8.99
C GLY A 1 -17.66 -25.67 8.13
N SER A 2 -16.95 -26.47 7.34
CA SER A 2 -15.96 -25.97 6.39
CA SER A 2 -15.97 -25.95 6.38
C SER A 2 -16.43 -26.24 4.96
N HIS A 3 -16.02 -25.37 4.03
CA HIS A 3 -16.46 -25.45 2.65
C HIS A 3 -15.29 -25.23 1.69
N MET A 4 -15.14 -26.15 0.74
CA MET A 4 -14.15 -26.00 -0.33
C MET A 4 -14.42 -24.73 -1.14
N GLU A 5 -15.67 -24.31 -1.16
CA GLU A 5 -16.11 -23.10 -1.86
C GLU A 5 -15.61 -21.81 -1.18
N TYR A 6 -15.16 -21.89 0.08
CA TYR A 6 -14.54 -20.75 0.75
C TYR A 6 -13.04 -20.94 0.87
N CYS A 7 -12.44 -21.49 -0.17
CA CYS A 7 -10.98 -21.59 -0.24
C CYS A 7 -10.46 -20.85 -1.48
N PRO A 8 -10.25 -19.52 -1.37
CA PRO A 8 -9.82 -18.75 -2.53
C PRO A 8 -8.46 -19.20 -3.01
N LYS A 9 -8.18 -19.00 -4.29
CA LYS A 9 -6.88 -19.38 -4.83
C LYS A 9 -6.19 -18.17 -5.39
N MET A 10 -4.86 -18.16 -5.28
CA MET A 10 -4.04 -17.14 -5.92
C MET A 10 -3.85 -17.56 -7.36
N LEU A 11 -4.04 -16.63 -8.29
CA LEU A 11 -3.78 -16.87 -9.70
C LEU A 11 -2.53 -16.12 -10.14
N SER A 12 -1.63 -16.83 -10.82
CA SER A 12 -0.45 -16.19 -11.41
C SER A 12 -0.87 -15.32 -12.59
N GLU A 13 -1.83 -15.81 -13.38
CA GLU A 13 -2.36 -15.04 -14.52
C GLU A 13 -3.87 -15.16 -14.64
N ILE A 14 -4.55 -14.02 -14.78
CA ILE A 14 -5.98 -14.03 -15.03
C ILE A 14 -6.21 -14.28 -16.52
N ARG A 15 -7.02 -15.30 -16.81
CA ARG A 15 -7.40 -15.63 -18.20
C ARG A 15 -8.91 -15.54 -18.40
N GLN A 16 -9.34 -15.55 -19.66
CA GLN A 16 -10.77 -15.51 -20.01
C GLN A 16 -11.63 -16.57 -19.30
N GLU A 17 -11.09 -17.79 -19.19
CA GLU A 17 -11.81 -18.90 -18.54
C GLU A 17 -12.11 -18.58 -17.08
N ASP A 18 -11.18 -17.92 -16.41
CA ASP A 18 -11.34 -17.56 -15.00
C ASP A 18 -12.44 -16.52 -14.86
N ILE A 19 -12.39 -15.50 -15.70
CA ILE A 19 -13.38 -14.42 -15.74
C ILE A 19 -14.79 -14.93 -16.06
N ASN A 20 -14.91 -15.81 -17.05
CA ASN A 20 -16.21 -16.35 -17.45
C ASN A 20 -16.88 -17.21 -16.38
N ASP A 21 -16.09 -17.78 -15.48
CA ASP A 21 -16.63 -18.68 -14.48
C ASP A 21 -17.00 -18.04 -13.14
N VAL A 22 -16.80 -16.73 -13.02
CA VAL A 22 -17.22 -16.02 -11.82
C VAL A 22 -18.40 -15.09 -12.12
N GLU A 23 -19.07 -14.61 -11.08
CA GLU A 23 -20.18 -13.69 -11.27
C GLU A 23 -19.71 -12.23 -11.31
N THR A 24 -18.75 -11.89 -10.47
CA THR A 24 -18.19 -10.53 -10.49
C THR A 24 -16.67 -10.56 -10.36
N VAL A 25 -16.02 -9.58 -10.95
CA VAL A 25 -14.60 -9.37 -10.78
C VAL A 25 -14.44 -7.94 -10.26
N ALA A 26 -13.71 -7.80 -9.16
CA ALA A 26 -13.61 -6.54 -8.44
C ALA A 26 -12.18 -6.10 -8.16
N TYR A 27 -12.01 -4.79 -7.96
CA TYR A 27 -10.74 -4.18 -7.57
C TYR A 27 -10.98 -3.83 -6.12
N VAL A 28 -10.21 -4.46 -5.22
CA VAL A 28 -10.43 -4.33 -3.78
C VAL A 28 -9.13 -4.02 -3.03
N THR A 29 -9.25 -3.46 -1.82
CA THR A 29 -8.14 -3.42 -0.89
C THR A 29 -8.54 -4.26 0.32
N VAL A 30 -7.61 -5.11 0.77
CA VAL A 30 -7.79 -5.81 2.05
C VAL A 30 -7.50 -4.81 3.16
N THR A 31 -8.48 -4.56 4.02
CA THR A 31 -8.35 -3.50 5.03
C THR A 31 -8.15 -4.03 6.44
N GLY A 32 -8.11 -5.37 6.55
CA GLY A 32 -7.97 -6.01 7.86
C GLY A 32 -8.51 -7.43 7.81
N LYS A 33 -8.45 -8.12 8.94
CA LYS A 33 -8.93 -9.49 9.00
C LYS A 33 -9.57 -9.77 10.34
N THR A 34 -10.82 -10.25 10.31
CA THR A 34 -11.48 -10.75 11.51
C THR A 34 -11.02 -12.19 11.73
N ALA A 35 -11.75 -12.95 12.53
CA ALA A 35 -11.44 -14.37 12.75
C ALA A 35 -11.04 -15.10 11.46
N ARG A 36 -12.01 -15.40 10.61
CA ARG A 36 -11.79 -16.26 9.46
C ARG A 36 -11.95 -15.54 8.12
N SER A 37 -12.31 -14.25 8.17
CA SER A 37 -12.57 -13.46 6.97
CA SER A 37 -12.53 -13.50 6.94
C SER A 37 -11.71 -12.22 6.86
N TYR A 38 -11.27 -11.93 5.64
CA TYR A 38 -10.63 -10.67 5.32
C TYR A 38 -11.70 -9.61 5.15
N ASN A 39 -11.42 -8.40 5.64
CA ASN A 39 -12.24 -7.23 5.38
C ASN A 39 -11.80 -6.58 4.08
N LEU A 40 -12.77 -6.15 3.29
CA LEU A 40 -12.53 -5.59 1.95
C LEU A 40 -13.16 -4.22 1.75
N GLN A 41 -12.41 -3.37 1.06
CA GLN A 41 -12.95 -2.15 0.48
C GLN A 41 -13.04 -2.37 -1.02
N TYR A 42 -14.22 -2.14 -1.58
CA TYR A 42 -14.41 -2.27 -3.03
C TYR A 42 -14.24 -0.92 -3.71
N TRP A 43 -13.43 -0.91 -4.76
CA TRP A 43 -13.19 0.31 -5.54
C TRP A 43 -13.98 0.33 -6.83
N ARG A 44 -14.14 -0.85 -7.45
CA ARG A 44 -14.71 -0.92 -8.79
C ARG A 44 -15.15 -2.35 -9.04
N LEU A 45 -16.25 -2.52 -9.75
CA LEU A 45 -16.55 -3.85 -10.31
C LEU A 45 -16.26 -3.73 -11.79
N TYR A 46 -15.42 -4.62 -12.31
CA TYR A 46 -15.12 -4.59 -13.74
C TYR A 46 -16.35 -5.07 -14.51
N ASP A 47 -16.48 -4.63 -15.77
CA ASP A 47 -17.63 -4.97 -16.58
C ASP A 47 -17.46 -6.31 -17.32
N VAL A 48 -16.90 -7.29 -16.59
CA VAL A 48 -16.67 -8.66 -17.08
C VAL A 48 -17.00 -9.67 -15.98
N PRO A 49 -17.49 -10.88 -16.36
CA PRO A 49 -17.80 -11.36 -17.71
C PRO A 49 -19.03 -10.65 -18.30
N LYS A 50 -19.80 -9.97 -17.45
CA LYS A 50 -20.94 -9.20 -17.90
C LYS A 50 -20.85 -7.79 -17.33
N THR A 51 -21.60 -6.86 -17.91
CA THR A 51 -21.67 -5.49 -17.41
C THR A 51 -21.98 -5.50 -15.92
N ALA A 52 -21.27 -4.66 -15.18
CA ALA A 52 -21.37 -4.61 -13.72
C ALA A 52 -22.71 -4.03 -13.28
N PRO A 53 -23.26 -4.53 -12.15
CA PRO A 53 -24.49 -3.96 -11.62
C PRO A 53 -24.30 -2.49 -11.26
N SER A 54 -25.39 -1.72 -11.33
CA SER A 54 -25.36 -0.29 -11.02
C SER A 54 -24.95 -0.03 -9.57
N GLN A 55 -25.49 -0.84 -8.66
CA GLN A 55 -25.27 -0.66 -7.22
C GLN A 55 -24.55 -1.83 -6.58
N TRP A 56 -23.57 -1.50 -5.74
CA TRP A 56 -22.77 -2.48 -5.02
CA TRP A 56 -22.79 -2.49 -5.00
C TRP A 56 -22.22 -1.87 -3.73
N PRO A 57 -22.13 -2.67 -2.64
CA PRO A 57 -21.63 -2.12 -1.38
C PRO A 57 -20.13 -1.79 -1.43
N SER A 58 -19.74 -0.75 -0.70
CA SER A 58 -18.34 -0.32 -0.65
CA SER A 58 -18.34 -0.33 -0.66
C SER A 58 -17.49 -1.27 0.20
N PHE A 59 -18.13 -1.94 1.16
CA PHE A 59 -17.45 -2.87 2.05
C PHE A 59 -17.95 -4.30 1.86
N GLY A 60 -17.06 -5.27 2.10
CA GLY A 60 -17.46 -6.69 2.13
C GLY A 60 -16.41 -7.50 2.84
N THR A 61 -16.56 -8.82 2.79
CA THR A 61 -15.64 -9.73 3.46
C THR A 61 -15.38 -10.93 2.57
N LEU A 62 -14.24 -11.56 2.78
CA LEU A 62 -13.88 -12.77 2.03
C LEU A 62 -13.48 -13.86 3.03
N ARG A 63 -14.30 -14.92 3.13
CA ARG A 63 -14.00 -16.02 4.03
C ARG A 63 -12.96 -16.97 3.43
N ASP A 64 -12.06 -17.48 4.27
CA ASP A 64 -11.05 -18.47 3.84
C ASP A 64 -11.00 -19.61 4.85
N ASP A 65 -11.48 -20.78 4.43
CA ASP A 65 -11.52 -21.98 5.27
C ASP A 65 -10.27 -22.87 5.13
N CYS A 66 -9.40 -22.53 4.19
CA CYS A 66 -8.24 -23.37 3.86
C CYS A 66 -6.92 -22.77 4.27
N GLY A 67 -6.67 -21.54 3.82
CA GLY A 67 -5.38 -20.88 4.05
C GLY A 67 -4.42 -21.09 2.89
N ASN A 68 -4.95 -21.32 1.70
CA ASN A 68 -4.13 -21.38 0.49
C ASN A 68 -3.84 -19.99 -0.07
N ILE A 69 -4.30 -18.96 0.65
CA ILE A 69 -3.92 -17.58 0.39
C ILE A 69 -3.42 -16.95 1.70
N GLN A 70 -2.54 -15.96 1.59
CA GLN A 70 -2.08 -15.23 2.75
C GLN A 70 -2.06 -13.76 2.35
N LEU A 71 -3.24 -13.16 2.29
CA LEU A 71 -3.33 -11.78 1.80
C LEU A 71 -2.73 -10.82 2.82
N THR A 72 -2.16 -9.73 2.34
CA THR A 72 -1.50 -8.78 3.22
C THR A 72 -2.35 -7.53 3.48
N ALA A 73 -2.11 -6.92 4.63
CA ALA A 73 -2.83 -5.71 5.03
C ALA A 73 -2.63 -4.59 4.02
N ASP A 74 -3.72 -3.86 3.75
CA ASP A 74 -3.68 -2.62 2.97
C ASP A 74 -3.14 -2.88 1.57
N THR A 75 -3.41 -4.07 1.04
CA THR A 75 -2.88 -4.47 -0.25
C THR A 75 -4.01 -4.61 -1.26
N ASP A 76 -3.74 -4.21 -2.51
CA ASP A 76 -4.79 -4.17 -3.51
C ASP A 76 -4.79 -5.48 -4.31
N TYR A 77 -5.99 -6.00 -4.57
CA TYR A 77 -6.16 -7.23 -5.35
C TYR A 77 -7.26 -7.13 -6.39
N VAL A 78 -7.14 -7.94 -7.43
CA VAL A 78 -8.31 -8.20 -8.27
C VAL A 78 -8.92 -9.48 -7.69
N LEU A 79 -10.23 -9.45 -7.46
CA LEU A 79 -10.92 -10.54 -6.79
C LEU A 79 -12.07 -10.97 -7.65
N GLY A 80 -12.04 -12.22 -8.13
CA GLY A 80 -13.12 -12.75 -8.99
C GLY A 80 -13.90 -13.74 -8.17
N CYS A 81 -15.21 -13.55 -8.04
CA CYS A 81 -15.99 -14.44 -7.16
C CYS A 81 -17.32 -14.88 -7.75
N LYS A 82 -17.74 -16.12 -7.44
CA LYS A 82 -19.15 -16.49 -7.65
C LYS A 82 -19.96 -15.83 -6.54
N SER A 83 -21.29 -15.78 -6.71
CA SER A 83 -22.16 -15.15 -5.72
C SER A 83 -21.91 -15.63 -4.30
N GLY A 84 -21.96 -14.72 -3.33
CA GLY A 84 -21.64 -15.03 -1.94
C GLY A 84 -20.16 -15.07 -1.63
N ASN A 85 -19.35 -14.58 -2.58
CA ASN A 85 -17.89 -14.57 -2.45
C ASN A 85 -17.35 -15.97 -2.19
N GLN A 86 -17.73 -16.86 -3.10
CA GLN A 86 -17.22 -18.22 -3.04
CA GLN A 86 -17.33 -18.26 -3.09
C GLN A 86 -16.55 -18.58 -4.35
N ASP A 87 -15.75 -19.66 -4.31
CA ASP A 87 -14.92 -20.10 -5.44
C ASP A 87 -14.16 -18.93 -6.07
N CYS A 88 -13.45 -18.18 -5.23
CA CYS A 88 -12.85 -16.95 -5.68
C CYS A 88 -11.44 -17.19 -6.19
N PHE A 89 -11.04 -16.33 -7.14
CA PHE A 89 -9.64 -16.19 -7.49
C PHE A 89 -9.12 -14.80 -7.08
N VAL A 90 -7.83 -14.73 -6.79
CA VAL A 90 -7.20 -13.50 -6.29
C VAL A 90 -5.88 -13.26 -7.02
N LYS A 91 -5.63 -12.02 -7.42
CA LYS A 91 -4.40 -11.63 -8.10
C LYS A 91 -3.99 -10.25 -7.58
N LEU A 92 -2.71 -10.08 -7.26
CA LEU A 92 -2.19 -8.77 -6.84
C LEU A 92 -2.44 -7.75 -7.93
N HIS A 93 -3.13 -6.67 -7.59
CA HIS A 93 -3.47 -5.64 -8.57
C HIS A 93 -2.23 -5.02 -9.22
N ASP A 94 -1.19 -4.77 -8.43
CA ASP A 94 0.07 -4.17 -8.94
C ASP A 94 0.84 -5.12 -9.86
N GLY A 95 0.41 -6.39 -9.92
CA GLY A 95 1.03 -7.39 -10.79
C GLY A 95 0.33 -7.65 -12.11
N LEU A 96 -0.71 -6.88 -12.42
CA LEU A 96 -1.46 -7.02 -13.69
C LEU A 96 -0.61 -6.68 -14.93
N SER A 97 -0.62 -7.58 -15.92
CA SER A 97 -0.01 -7.31 -17.22
C SER A 97 -1.03 -6.59 -18.12
N GLN A 98 -0.56 -6.07 -19.25
CA GLN A 98 -1.47 -5.40 -20.19
C GLN A 98 -2.53 -6.36 -20.73
N LYS A 99 -2.12 -7.61 -20.97
CA LYS A 99 -3.05 -8.63 -21.41
CA LYS A 99 -3.04 -8.66 -21.40
C LYS A 99 -4.22 -8.76 -20.43
N GLU A 100 -3.91 -8.84 -19.13
CA GLU A 100 -4.92 -8.96 -18.10
C GLU A 100 -5.77 -7.69 -17.99
N LYS A 101 -5.13 -6.53 -18.13
CA LYS A 101 -5.85 -5.25 -18.14
C LYS A 101 -6.90 -5.21 -19.25
N ASP A 102 -6.52 -5.68 -20.44
CA ASP A 102 -7.44 -5.78 -21.58
C ASP A 102 -8.62 -6.74 -21.33
N LEU A 103 -8.35 -7.88 -20.70
CA LEU A 103 -9.40 -8.86 -20.36
C LEU A 103 -10.41 -8.27 -19.38
N LEU A 104 -9.90 -7.45 -18.48
CA LEU A 104 -10.72 -6.82 -17.45
C LEU A 104 -11.35 -5.52 -17.95
N LYS A 105 -10.96 -5.10 -19.15
CA LYS A 105 -11.33 -3.79 -19.71
C LYS A 105 -11.01 -2.70 -18.68
N GLU A 106 -9.81 -2.76 -18.10
CA GLU A 106 -9.37 -1.83 -17.08
C GLU A 106 -9.39 -0.37 -17.58
N GLY B 1 -3.14 -0.58 -6.95
CA GLY B 1 -2.90 0.78 -7.54
C GLY B 1 -2.72 1.82 -6.47
N SER B 2 -3.00 3.07 -6.81
CA SER B 2 -2.91 4.14 -5.83
C SER B 2 -4.27 4.81 -5.66
N HIS B 3 -4.49 5.35 -4.47
CA HIS B 3 -5.78 5.94 -4.09
C HIS B 3 -5.56 7.23 -3.30
N MET B 4 -6.29 8.27 -3.70
CA MET B 4 -6.33 9.53 -2.99
C MET B 4 -6.89 9.35 -1.58
N GLU B 5 -7.69 8.29 -1.39
CA GLU B 5 -8.17 7.91 -0.06
C GLU B 5 -7.06 7.44 0.88
N TYR B 6 -5.91 7.07 0.32
CA TYR B 6 -4.77 6.63 1.14
C TYR B 6 -3.66 7.66 1.13
N CYS B 7 -4.07 8.93 1.22
N CYS B 7 -4.06 8.94 1.23
CA CYS B 7 -3.11 10.00 1.21
CA CYS B 7 -3.15 10.07 1.12
C CYS B 7 -3.36 10.89 2.41
C CYS B 7 -3.33 10.94 2.39
N PRO B 8 -2.87 10.45 3.57
CA PRO B 8 -3.09 11.18 4.82
C PRO B 8 -2.40 12.53 4.80
N LYS B 9 -2.93 13.47 5.57
CA LYS B 9 -2.38 14.81 5.58
C LYS B 9 -2.00 15.17 6.99
N MET B 10 -0.85 15.81 7.14
CA MET B 10 -0.44 16.26 8.44
C MET B 10 -1.12 17.60 8.72
N LEU B 11 -1.62 17.77 9.94
CA LEU B 11 -2.13 19.06 10.38
C LEU B 11 -1.18 19.71 11.39
N SER B 12 -1.02 21.03 11.31
CA SER B 12 -0.34 21.77 12.39
C SER B 12 -1.28 21.96 13.57
N GLU B 13 -2.58 22.04 13.27
CA GLU B 13 -3.61 22.25 14.27
C GLU B 13 -4.91 21.54 13.88
N ILE B 14 -5.45 20.74 14.79
CA ILE B 14 -6.77 20.13 14.62
C ILE B 14 -7.86 21.18 14.85
N ARG B 15 -8.73 21.36 13.86
CA ARG B 15 -9.89 22.23 13.98
C ARG B 15 -11.17 21.41 13.92
N GLN B 16 -12.27 22.00 14.37
CA GLN B 16 -13.56 21.30 14.37
C GLN B 16 -13.94 20.79 12.98
N GLU B 17 -13.62 21.58 11.95
CA GLU B 17 -13.88 21.21 10.57
C GLU B 17 -13.20 19.90 10.16
N ASP B 18 -12.01 19.62 10.72
CA ASP B 18 -11.28 18.40 10.44
C ASP B 18 -11.97 17.21 11.09
N ILE B 19 -12.42 17.42 12.32
CA ILE B 19 -13.11 16.39 13.11
C ILE B 19 -14.44 16.03 12.45
N ASN B 20 -15.13 17.05 11.97
CA ASN B 20 -16.40 16.87 11.24
C ASN B 20 -16.28 15.99 10.00
N ASP B 21 -15.09 15.95 9.40
CA ASP B 21 -14.88 15.27 8.13
C ASP B 21 -14.36 13.83 8.26
N VAL B 22 -14.32 13.32 9.49
CA VAL B 22 -13.86 11.94 9.72
C VAL B 22 -14.89 11.16 10.53
N GLU B 23 -14.65 9.85 10.66
CA GLU B 23 -15.56 8.97 11.40
C GLU B 23 -15.08 8.72 12.80
N THR B 24 -13.77 8.52 12.95
CA THR B 24 -13.21 8.33 14.28
C THR B 24 -11.93 9.14 14.43
N VAL B 25 -11.60 9.47 15.68
CA VAL B 25 -10.35 10.12 16.01
C VAL B 25 -9.69 9.32 17.11
N ALA B 26 -8.43 8.98 16.91
CA ALA B 26 -7.74 8.07 17.79
C ALA B 26 -6.38 8.60 18.25
N TYR B 27 -5.99 8.13 19.43
CA TYR B 27 -4.67 8.35 19.99
C TYR B 27 -3.87 7.07 19.75
N VAL B 28 -2.81 7.17 18.96
CA VAL B 28 -2.01 6.01 18.55
C VAL B 28 -0.52 6.28 18.73
N THR B 29 0.27 5.21 18.72
CA THR B 29 1.73 5.28 18.52
C THR B 29 2.08 4.53 17.24
N VAL B 30 2.90 5.15 16.42
CA VAL B 30 3.53 4.42 15.29
C VAL B 30 4.64 3.53 15.84
N THR B 31 4.50 2.22 15.62
CA THR B 31 5.45 1.26 16.16
C THR B 31 6.44 0.75 15.10
N GLY B 32 6.17 1.09 13.85
CA GLY B 32 7.00 0.64 12.73
C GLY B 32 6.34 0.90 11.40
N LYS B 33 6.95 0.38 10.34
CA LYS B 33 6.42 0.53 9.00
C LYS B 33 6.77 -0.69 8.17
N THR B 34 5.78 -1.20 7.45
CA THR B 34 5.97 -2.33 6.54
C THR B 34 5.48 -1.89 5.19
N ALA B 35 6.34 -2.01 4.18
CA ALA B 35 6.09 -1.55 2.82
C ALA B 35 5.31 -0.24 2.80
N ARG B 36 4.04 -0.36 2.46
CA ARG B 36 3.11 0.74 2.26
C ARG B 36 2.62 1.40 3.54
N SER B 37 2.55 0.62 4.62
CA SER B 37 1.77 0.99 5.79
CA SER B 37 1.81 1.07 5.77
C SER B 37 2.54 1.10 7.10
N TYR B 38 2.22 2.12 7.87
CA TYR B 38 2.69 2.26 9.23
C TYR B 38 1.94 1.28 10.10
N ASN B 39 2.67 0.67 11.03
CA ASN B 39 2.06 -0.13 12.09
C ASN B 39 1.66 0.77 13.26
N LEU B 40 0.48 0.53 13.80
CA LEU B 40 -0.10 1.38 14.86
C LEU B 40 -0.46 0.58 16.11
N GLN B 41 -0.27 1.21 17.26
CA GLN B 41 -0.83 0.74 18.52
C GLN B 41 -1.88 1.77 18.92
N TYR B 42 -3.09 1.31 19.23
CA TYR B 42 -4.17 2.21 19.62
C TYR B 42 -4.28 2.32 21.14
N TRP B 43 -4.31 3.54 21.65
CA TRP B 43 -4.48 3.78 23.07
C TRP B 43 -5.90 4.17 23.47
N ARG B 44 -6.57 4.93 22.60
CA ARG B 44 -7.87 5.51 22.91
C ARG B 44 -8.58 5.96 21.64
N LEU B 45 -9.90 5.81 21.60
CA LEU B 45 -10.72 6.50 20.60
C LEU B 45 -11.44 7.62 21.32
N TYR B 46 -11.22 8.86 20.88
CA TYR B 46 -11.88 10.00 21.50
C TYR B 46 -13.35 9.96 21.15
N ASP B 47 -14.17 10.63 21.96
CA ASP B 47 -15.61 10.69 21.76
C ASP B 47 -16.04 11.83 20.82
N VAL B 48 -15.19 12.12 19.84
CA VAL B 48 -15.52 13.06 18.76
C VAL B 48 -15.21 12.40 17.41
N PRO B 49 -16.03 12.70 16.37
CA PRO B 49 -17.21 13.57 16.32
C PRO B 49 -18.43 12.94 17.00
N LYS B 50 -18.35 11.64 17.29
CA LYS B 50 -19.41 10.91 17.98
C LYS B 50 -18.80 10.07 19.10
N THR B 51 -19.65 9.65 20.04
CA THR B 51 -19.24 8.74 21.11
C THR B 51 -18.52 7.54 20.51
N ALA B 52 -17.34 7.23 21.06
CA ALA B 52 -16.52 6.12 20.59
C ALA B 52 -17.23 4.78 20.75
N PRO B 53 -16.95 3.83 19.84
CA PRO B 53 -17.48 2.46 19.95
C PRO B 53 -17.08 1.79 21.26
N SER B 54 -17.87 0.81 21.69
CA SER B 54 -17.59 0.04 22.90
C SER B 54 -16.31 -0.78 22.76
N GLN B 55 -16.02 -1.24 21.54
CA GLN B 55 -14.83 -2.02 21.27
C GLN B 55 -14.04 -1.47 20.08
N TRP B 56 -12.71 -1.58 20.17
CA TRP B 56 -11.81 -1.28 19.06
C TRP B 56 -10.57 -2.14 19.19
N PRO B 57 -9.94 -2.48 18.04
CA PRO B 57 -8.70 -3.27 18.11
C PRO B 57 -7.54 -2.44 18.68
N SER B 58 -6.60 -3.14 19.32
CA SER B 58 -5.40 -2.51 19.87
C SER B 58 -4.40 -2.19 18.77
N PHE B 59 -4.47 -2.93 17.67
CA PHE B 59 -3.53 -2.78 16.56
C PHE B 59 -4.20 -2.39 15.26
N GLY B 60 -3.46 -1.64 14.43
CA GLY B 60 -3.93 -1.26 13.11
C GLY B 60 -2.78 -0.80 12.24
N THR B 61 -3.12 -0.36 11.05
CA THR B 61 -2.15 0.11 10.06
C THR B 61 -2.63 1.38 9.38
N LEU B 62 -1.70 2.13 8.83
CA LEU B 62 -2.03 3.34 8.07
C LEU B 62 -1.24 3.39 6.80
N ARG B 63 -1.96 3.28 5.69
CA ARG B 63 -1.35 3.26 4.37
C ARG B 63 -1.15 4.69 3.86
N ASP B 64 0.00 4.92 3.25
CA ASP B 64 0.27 6.21 2.62
C ASP B 64 0.77 6.08 1.18
N ASP B 65 -0.10 6.41 0.22
CA ASP B 65 0.21 6.28 -1.19
C ASP B 65 0.93 7.50 -1.75
N CYS B 66 0.88 8.60 -1.01
CA CYS B 66 1.35 9.90 -1.50
C CYS B 66 2.72 10.31 -0.97
N GLY B 67 2.95 10.07 0.32
CA GLY B 67 4.19 10.46 1.00
C GLY B 67 4.17 11.89 1.53
N ASN B 68 2.98 12.43 1.76
CA ASN B 68 2.83 13.79 2.31
C ASN B 68 2.96 13.82 3.83
N ILE B 69 3.03 12.63 4.43
CA ILE B 69 3.40 12.48 5.84
C ILE B 69 4.71 11.69 5.87
N GLN B 70 5.50 11.90 6.92
CA GLN B 70 6.70 11.12 7.17
C GLN B 70 6.76 10.88 8.67
N LEU B 71 5.98 9.90 9.13
CA LEU B 71 5.82 9.65 10.57
C LEU B 71 7.05 8.94 11.11
N THR B 72 7.37 9.21 12.37
CA THR B 72 8.56 8.64 12.98
C THR B 72 8.26 7.47 13.92
N ALA B 73 9.26 6.60 14.08
CA ALA B 73 9.18 5.42 14.93
C ALA B 73 8.89 5.82 16.37
N ASP B 74 8.09 5.01 17.06
CA ASP B 74 7.83 5.17 18.49
C ASP B 74 7.22 6.52 18.83
N THR B 75 6.51 7.12 17.88
CA THR B 75 5.99 8.47 18.07
C THR B 75 4.48 8.48 18.17
N ASP B 76 3.96 9.31 19.07
CA ASP B 76 2.52 9.41 19.34
C ASP B 76 1.81 10.41 18.44
N TYR B 77 0.65 10.02 17.95
CA TYR B 77 -0.14 10.85 17.03
C TYR B 77 -1.59 10.80 17.37
N VAL B 78 -2.29 11.85 16.99
CA VAL B 78 -3.76 11.86 16.93
C VAL B 78 -4.08 11.62 15.46
N LEU B 79 -4.91 10.61 15.22
CA LEU B 79 -5.24 10.13 13.88
C LEU B 79 -6.76 10.16 13.68
N GLY B 80 -7.20 10.96 12.71
CA GLY B 80 -8.62 11.09 12.38
C GLY B 80 -8.82 10.43 11.04
N CYS B 81 -9.77 9.50 10.96
CA CYS B 81 -9.95 8.70 9.73
C CYS B 81 -11.40 8.35 9.43
N LYS B 82 -11.67 8.07 8.17
CA LYS B 82 -12.88 7.33 7.77
C LYS B 82 -12.55 5.83 7.77
N SER B 83 -13.57 4.98 7.59
CA SER B 83 -13.42 3.52 7.64
C SER B 83 -12.31 2.99 6.75
N GLY B 84 -11.56 2.03 7.26
CA GLY B 84 -10.39 1.48 6.57
C GLY B 84 -9.17 2.36 6.67
N ASN B 85 -9.19 3.31 7.63
CA ASN B 85 -8.14 4.31 7.78
C ASN B 85 -7.84 5.03 6.47
N GLN B 86 -8.91 5.64 5.94
CA GLN B 86 -8.88 6.42 4.71
C GLN B 86 -9.28 7.87 5.01
N ASP B 87 -8.88 8.78 4.12
CA ASP B 87 -9.18 10.21 4.23
C ASP B 87 -8.73 10.75 5.59
N CYS B 88 -7.50 10.40 5.97
CA CYS B 88 -7.03 10.65 7.33
C CYS B 88 -6.33 12.01 7.52
N PHE B 89 -6.44 12.55 8.73
CA PHE B 89 -5.55 13.62 9.19
C PHE B 89 -4.68 13.09 10.32
N VAL B 90 -3.49 13.64 10.47
CA VAL B 90 -2.53 13.20 11.49
C VAL B 90 -1.96 14.42 12.19
N LYS B 91 -1.88 14.37 13.52
CA LYS B 91 -1.34 15.47 14.32
C LYS B 91 -0.40 14.90 15.39
N LEU B 92 0.75 15.52 15.57
CA LEU B 92 1.67 15.09 16.62
C LEU B 92 1.01 15.25 17.98
N HIS B 93 0.92 14.16 18.74
CA HIS B 93 0.25 14.18 20.04
C HIS B 93 0.88 15.12 21.04
N ASP B 94 2.22 15.11 21.13
CA ASP B 94 2.95 16.02 22.01
C ASP B 94 2.78 17.50 21.60
N GLY B 95 2.32 17.74 20.38
CA GLY B 95 2.08 19.11 19.90
C GLY B 95 0.68 19.67 20.13
N LEU B 96 -0.15 18.95 20.88
CA LEU B 96 -1.53 19.36 21.11
C LEU B 96 -1.58 20.59 22.02
N SER B 97 -2.32 21.61 21.58
CA SER B 97 -2.58 22.80 22.42
C SER B 97 -3.75 22.47 23.35
N GLN B 98 -3.95 23.29 24.38
CA GLN B 98 -5.11 23.10 25.25
C GLN B 98 -6.43 23.21 24.47
N LYS B 99 -6.49 24.12 23.50
CA LYS B 99 -7.66 24.30 22.64
C LYS B 99 -8.00 22.99 21.89
N GLU B 100 -6.94 22.33 21.40
CA GLU B 100 -7.10 21.05 20.70
C GLU B 100 -7.55 19.92 21.64
N LYS B 101 -6.99 19.86 22.83
CA LYS B 101 -7.41 18.87 23.85
C LYS B 101 -8.90 19.04 24.18
N ASP B 102 -9.34 20.29 24.31
CA ASP B 102 -10.77 20.60 24.50
C ASP B 102 -11.64 20.09 23.33
N LEU B 103 -11.18 20.28 22.09
CA LEU B 103 -11.92 19.83 20.91
C LEU B 103 -12.04 18.29 20.88
N LEU B 104 -11.02 17.61 21.39
CA LEU B 104 -10.96 16.15 21.41
C LEU B 104 -11.66 15.55 22.63
N LYS B 105 -12.03 16.42 23.57
CA LYS B 105 -12.59 16.03 24.87
C LYS B 105 -11.66 15.08 25.60
N GLU B 106 -10.37 15.41 25.59
N GLU B 106 -10.37 15.41 25.61
CA GLU B 106 -9.34 14.57 26.19
CA GLU B 106 -9.37 14.57 26.26
C GLU B 106 -9.57 14.31 27.68
C GLU B 106 -9.67 14.32 27.74
N GLY C 1 13.51 -29.72 -37.99
CA GLY C 1 14.29 -29.41 -39.23
C GLY C 1 14.69 -27.94 -39.29
N SER C 2 15.16 -27.53 -40.45
CA SER C 2 15.56 -26.15 -40.70
C SER C 2 14.54 -25.46 -41.60
N HIS C 3 14.35 -24.16 -41.35
CA HIS C 3 13.37 -23.36 -42.09
C HIS C 3 13.97 -22.01 -42.48
N MET C 4 13.78 -21.63 -43.75
CA MET C 4 14.23 -20.33 -44.23
CA MET C 4 14.22 -20.33 -44.24
C MET C 4 13.48 -19.20 -43.53
N GLU C 5 12.30 -19.53 -42.99
CA GLU C 5 11.50 -18.59 -42.20
C GLU C 5 12.19 -18.21 -40.87
N TYR C 6 13.15 -19.04 -40.44
CA TYR C 6 13.89 -18.81 -39.21
C TYR C 6 15.36 -18.46 -39.51
N CYS C 7 15.55 -17.58 -40.49
CA CYS C 7 16.87 -17.09 -40.81
C CYS C 7 16.88 -15.56 -40.81
N PRO C 8 16.97 -14.96 -39.62
CA PRO C 8 16.89 -13.50 -39.55
C PRO C 8 18.07 -12.82 -40.22
N LYS C 9 17.83 -11.63 -40.76
CA LYS C 9 18.85 -10.86 -41.46
C LYS C 9 19.28 -9.69 -40.59
N MET C 10 20.59 -9.45 -40.48
CA MET C 10 21.10 -8.29 -39.77
C MET C 10 21.20 -7.12 -40.72
N LEU C 11 20.69 -5.96 -40.31
CA LEU C 11 20.75 -4.75 -41.14
C LEU C 11 21.60 -3.68 -40.50
N SER C 12 22.36 -2.98 -41.33
CA SER C 12 23.11 -1.81 -40.88
CA SER C 12 23.10 -1.82 -40.83
C SER C 12 22.22 -0.58 -40.80
N GLU C 13 21.20 -0.53 -41.67
CA GLU C 13 20.26 0.58 -41.71
C GLU C 13 18.88 0.09 -42.12
N ILE C 14 17.87 0.47 -41.35
CA ILE C 14 16.49 0.15 -41.70
C ILE C 14 16.00 1.11 -42.78
N ARG C 15 15.34 0.59 -43.80
CA ARG C 15 14.63 1.46 -44.75
C ARG C 15 13.14 1.13 -44.74
N GLN C 16 12.32 2.01 -45.34
CA GLN C 16 10.87 1.79 -45.40
C GLN C 16 10.49 0.41 -45.96
N GLU C 17 11.23 -0.03 -46.98
CA GLU C 17 10.98 -1.32 -47.62
C GLU C 17 11.13 -2.52 -46.66
N ASP C 18 12.05 -2.41 -45.70
CA ASP C 18 12.20 -3.45 -44.66
C ASP C 18 10.95 -3.51 -43.79
N ILE C 19 10.48 -2.34 -43.38
CA ILE C 19 9.27 -2.21 -42.57
C ILE C 19 8.03 -2.73 -43.31
N ASN C 20 7.95 -2.44 -44.61
CA ASN C 20 6.80 -2.86 -45.43
C ASN C 20 6.67 -4.38 -45.51
N ASP C 21 7.79 -5.08 -45.34
CA ASP C 21 7.82 -6.54 -45.53
C ASP C 21 7.65 -7.36 -44.24
N VAL C 22 7.35 -6.70 -43.14
CA VAL C 22 7.08 -7.39 -41.87
C VAL C 22 5.69 -7.04 -41.35
N GLU C 23 5.27 -7.72 -40.28
CA GLU C 23 3.96 -7.44 -39.66
C GLU C 23 4.08 -6.55 -38.42
N THR C 24 5.14 -6.75 -37.65
CA THR C 24 5.37 -5.96 -36.44
C THR C 24 6.81 -5.51 -36.37
N VAL C 25 7.06 -4.39 -35.69
CA VAL C 25 8.43 -3.99 -35.41
C VAL C 25 8.49 -3.67 -33.92
N ALA C 26 9.52 -4.21 -33.26
CA ALA C 26 9.63 -4.18 -31.82
C ALA C 26 11.01 -3.70 -31.35
N TYR C 27 11.03 -3.08 -30.17
CA TYR C 27 12.25 -2.75 -29.46
C TYR C 27 12.43 -3.83 -28.39
N VAL C 28 13.55 -4.56 -28.47
CA VAL C 28 13.80 -5.71 -27.58
C VAL C 28 15.21 -5.66 -27.03
N THR C 29 15.44 -6.43 -25.96
CA THR C 29 16.77 -6.75 -25.49
C THR C 29 16.92 -8.26 -25.57
N VAL C 30 18.02 -8.72 -26.17
CA VAL C 30 18.39 -10.14 -26.08
C VAL C 30 18.88 -10.42 -24.68
N THR C 31 18.15 -11.25 -23.94
CA THR C 31 18.45 -11.52 -22.52
C THR C 31 19.15 -12.85 -22.29
N GLY C 32 19.40 -13.59 -23.37
CA GLY C 32 20.03 -14.90 -23.28
C GLY C 32 19.75 -15.77 -24.49
N LYS C 33 20.13 -17.03 -24.39
CA LYS C 33 20.07 -17.95 -25.53
C LYS C 33 19.90 -19.37 -25.02
N THR C 34 18.94 -20.09 -25.58
CA THR C 34 18.81 -21.54 -25.31
C THR C 34 19.38 -22.31 -26.51
N ALA C 35 19.07 -23.60 -26.61
CA ALA C 35 19.61 -24.43 -27.70
C ALA C 35 19.20 -23.92 -29.08
N ARG C 36 17.92 -23.60 -29.22
CA ARG C 36 17.37 -23.16 -30.51
C ARG C 36 17.38 -21.64 -30.70
N SER C 37 17.02 -20.92 -29.64
CA SER C 37 16.59 -19.54 -29.80
C SER C 37 17.25 -18.54 -28.84
N TYR C 38 17.23 -17.28 -29.25
CA TYR C 38 17.54 -16.18 -28.36
C TYR C 38 16.32 -15.89 -27.52
N ASN C 39 16.55 -15.55 -26.26
CA ASN C 39 15.51 -15.08 -25.37
C ASN C 39 15.41 -13.57 -25.47
N LEU C 40 14.19 -13.05 -25.48
CA LEU C 40 13.96 -11.63 -25.66
C LEU C 40 13.11 -11.04 -24.55
N GLN C 41 13.39 -9.77 -24.24
CA GLN C 41 12.51 -8.93 -23.46
C GLN C 41 11.98 -7.84 -24.39
N TYR C 42 10.66 -7.68 -24.44
CA TYR C 42 10.06 -6.62 -25.25
C TYR C 42 9.87 -5.34 -24.46
N TRP C 43 10.19 -4.21 -25.07
CA TRP C 43 10.01 -2.90 -24.43
C TRP C 43 8.88 -2.10 -25.04
N ARG C 44 8.70 -2.27 -26.36
CA ARG C 44 7.74 -1.49 -27.13
C ARG C 44 7.49 -2.18 -28.46
N LEU C 45 6.24 -2.13 -28.93
CA LEU C 45 5.98 -2.34 -30.35
C LEU C 45 5.76 -0.99 -31.01
N TYR C 46 6.43 -0.77 -32.13
CA TYR C 46 6.23 0.44 -32.92
C TYR C 46 4.94 0.31 -33.73
N ASP C 47 4.39 1.46 -34.12
CA ASP C 47 3.14 1.53 -34.88
C ASP C 47 3.41 1.55 -36.39
N VAL C 48 4.43 0.80 -36.79
CA VAL C 48 4.73 0.58 -38.21
C VAL C 48 4.94 -0.93 -38.42
N PRO C 49 4.61 -1.46 -39.62
CA PRO C 49 4.02 -0.76 -40.77
C PRO C 49 2.55 -0.44 -40.52
N LYS C 50 1.98 -1.06 -39.48
CA LYS C 50 0.63 -0.76 -39.06
C LYS C 50 0.59 -0.55 -37.56
N THR C 51 -0.49 0.05 -37.08
CA THR C 51 -0.69 0.31 -35.66
C THR C 51 -0.43 -0.95 -34.83
N ALA C 52 0.37 -0.79 -33.79
CA ALA C 52 0.75 -1.91 -32.94
C ALA C 52 -0.48 -2.50 -32.25
N PRO C 53 -0.48 -3.84 -32.08
CA PRO C 53 -1.51 -4.46 -31.24
C PRO C 53 -1.27 -4.04 -29.78
N SER C 54 -2.36 -3.69 -29.09
CA SER C 54 -2.30 -3.16 -27.72
C SER C 54 -1.44 -4.02 -26.81
N GLN C 55 -1.92 -5.22 -26.52
CA GLN C 55 -1.18 -6.15 -25.66
C GLN C 55 -0.14 -6.88 -26.48
N TRP C 56 0.98 -7.15 -25.81
CA TRP C 56 2.05 -7.99 -26.36
CA TRP C 56 2.06 -7.97 -26.36
C TRP C 56 2.83 -8.57 -25.19
N PRO C 57 3.21 -9.87 -25.29
CA PRO C 57 3.98 -10.42 -24.18
C PRO C 57 5.25 -9.62 -23.92
N SER C 58 5.70 -9.63 -22.67
CA SER C 58 6.93 -8.98 -22.30
C SER C 58 8.13 -9.84 -22.69
N PHE C 59 7.90 -11.14 -22.80
CA PHE C 59 8.96 -12.09 -23.15
C PHE C 59 8.69 -12.80 -24.47
N GLY C 60 9.76 -13.19 -25.14
CA GLY C 60 9.63 -13.92 -26.39
C GLY C 60 10.94 -14.54 -26.78
N THR C 61 10.96 -15.18 -27.94
CA THR C 61 12.15 -15.82 -28.45
C THR C 61 12.33 -15.56 -29.93
N LEU C 62 13.58 -15.63 -30.37
CA LEU C 62 13.93 -15.51 -31.77
C LEU C 62 14.76 -16.72 -32.16
N ARG C 63 14.20 -17.53 -33.05
CA ARG C 63 14.88 -18.74 -33.52
C ARG C 63 15.73 -18.41 -34.73
N ASP C 64 16.95 -18.95 -34.76
CA ASP C 64 17.87 -18.76 -35.89
C ASP C 64 18.41 -20.10 -36.38
N ASP C 65 17.91 -20.55 -37.54
CA ASP C 65 18.30 -21.85 -38.12
C ASP C 65 19.52 -21.74 -39.02
N CYS C 66 19.90 -20.50 -39.34
CA CYS C 66 20.98 -20.23 -40.30
C CYS C 66 22.31 -19.89 -39.62
N GLY C 67 22.26 -18.97 -38.67
CA GLY C 67 23.48 -18.45 -38.05
C GLY C 67 24.07 -17.26 -38.80
N ASN C 68 23.26 -16.65 -39.67
CA ASN C 68 23.69 -15.44 -40.41
C ASN C 68 23.83 -14.23 -39.47
N ILE C 69 23.09 -14.26 -38.36
CA ILE C 69 23.21 -13.25 -37.31
C ILE C 69 23.98 -13.83 -36.14
N GLN C 70 24.57 -12.95 -35.32
CA GLN C 70 25.23 -13.37 -34.09
C GLN C 70 24.99 -12.30 -33.03
N LEU C 71 23.78 -12.32 -32.47
CA LEU C 71 23.38 -11.32 -31.50
C LEU C 71 24.17 -11.44 -30.21
N THR C 72 24.39 -10.32 -29.55
CA THR C 72 25.21 -10.27 -28.33
C THR C 72 24.36 -10.19 -27.07
N ALA C 73 24.92 -10.66 -25.97
CA ALA C 73 24.26 -10.67 -24.67
C ALA C 73 23.82 -9.28 -24.25
N ASP C 74 22.64 -9.18 -23.65
CA ASP C 74 22.13 -7.92 -23.08
C ASP C 74 22.12 -6.74 -24.04
N THR C 75 21.89 -7.01 -25.31
CA THR C 75 21.97 -5.97 -26.32
C THR C 75 20.60 -5.62 -26.85
N ASP C 76 20.38 -4.31 -27.05
CA ASP C 76 19.09 -3.80 -27.52
C ASP C 76 19.03 -3.82 -29.04
N TYR C 77 17.91 -4.31 -29.56
CA TYR C 77 17.69 -4.36 -31.00
C TYR C 77 16.33 -3.86 -31.40
N VAL C 78 16.26 -3.37 -32.64
CA VAL C 78 14.99 -3.23 -33.32
C VAL C 78 14.78 -4.53 -34.09
N LEU C 79 13.62 -5.14 -33.91
CA LEU C 79 13.36 -6.46 -34.48
C LEU C 79 12.06 -6.41 -35.27
N GLY C 80 12.16 -6.59 -36.58
CA GLY C 80 10.96 -6.60 -37.43
C GLY C 80 10.68 -8.00 -37.88
N CYS C 81 9.44 -8.47 -37.70
CA CYS C 81 9.11 -9.85 -38.03
C CYS C 81 7.71 -9.99 -38.61
N LYS C 82 7.51 -11.05 -39.37
CA LYS C 82 6.18 -11.58 -39.66
C LYS C 82 5.75 -12.46 -38.49
N SER C 83 4.46 -12.81 -38.42
CA SER C 83 3.91 -13.60 -37.33
C SER C 83 4.74 -14.85 -37.03
N GLY C 84 4.87 -15.16 -35.74
CA GLY C 84 5.67 -16.30 -35.28
C GLY C 84 7.16 -16.00 -35.22
N ASN C 85 7.52 -14.70 -35.21
CA ASN C 85 8.92 -14.27 -35.28
C ASN C 85 9.68 -14.96 -36.42
N GLN C 86 9.13 -14.76 -37.61
CA GLN C 86 9.64 -15.35 -38.85
C GLN C 86 9.98 -14.24 -39.82
N ASP C 87 10.88 -14.54 -40.77
CA ASP C 87 11.26 -13.61 -41.84
C ASP C 87 11.66 -12.26 -41.25
N CYS C 88 12.58 -12.29 -40.29
CA CYS C 88 12.85 -11.12 -39.45
C CYS C 88 14.05 -10.33 -39.94
N PHE C 89 14.05 -9.03 -39.65
CA PHE C 89 15.26 -8.22 -39.72
C PHE C 89 15.63 -7.75 -38.32
N VAL C 90 16.93 -7.53 -38.11
CA VAL C 90 17.44 -7.08 -36.82
C VAL C 90 18.40 -5.93 -37.03
N LYS C 91 18.27 -4.90 -36.20
CA LYS C 91 19.13 -3.72 -36.27
C LYS C 91 19.49 -3.25 -34.87
N LEU C 92 20.75 -2.91 -34.67
CA LEU C 92 21.23 -2.43 -33.37
CA LEU C 92 21.23 -2.42 -33.37
C LEU C 92 20.51 -1.15 -32.94
N HIS C 93 19.80 -1.20 -31.82
CA HIS C 93 19.04 -0.05 -31.35
C HIS C 93 19.90 1.20 -31.08
N ASP C 94 21.08 1.02 -30.46
CA ASP C 94 21.99 2.15 -30.23
C ASP C 94 22.54 2.72 -31.54
N GLY C 95 22.41 1.95 -32.62
CA GLY C 95 22.86 2.36 -33.94
C GLY C 95 21.86 3.16 -34.77
N LEU C 96 20.70 3.47 -34.19
CA LEU C 96 19.64 4.18 -34.93
C LEU C 96 19.98 5.63 -35.21
N SER C 97 19.90 6.01 -36.49
CA SER C 97 19.98 7.41 -36.91
C SER C 97 18.62 8.05 -36.70
N GLN C 98 18.57 9.38 -36.77
CA GLN C 98 17.28 10.07 -36.66
C GLN C 98 16.36 9.70 -37.82
N LYS C 99 16.93 9.49 -39.00
CA LYS C 99 16.17 9.06 -40.16
C LYS C 99 15.43 7.74 -39.89
N GLU C 100 16.11 6.79 -39.28
CA GLU C 100 15.53 5.50 -38.90
C GLU C 100 14.48 5.64 -37.80
N LYS C 101 14.77 6.48 -36.80
CA LYS C 101 13.81 6.74 -35.72
C LYS C 101 12.51 7.31 -36.30
N ASP C 102 12.65 8.17 -37.31
CA ASP C 102 11.51 8.75 -38.03
C ASP C 102 10.67 7.69 -38.76
N LEU C 103 11.32 6.75 -39.42
CA LEU C 103 10.64 5.59 -40.03
C LEU C 103 9.88 4.73 -39.01
N LEU C 104 10.42 4.63 -37.80
CA LEU C 104 9.81 3.83 -36.74
C LEU C 104 8.72 4.59 -35.98
N LYS C 105 8.61 5.89 -36.27
CA LYS C 105 7.72 6.80 -35.52
C LYS C 105 7.98 6.73 -34.01
N GLU C 106 9.25 6.76 -33.64
N GLU C 106 9.26 6.79 -33.65
CA GLU C 106 9.68 6.60 -32.25
CA GLU C 106 9.69 6.66 -32.26
C GLU C 106 9.15 7.69 -31.32
C GLU C 106 9.24 7.83 -31.39
N GLY D 1 19.10 1.15 -26.14
CA GLY D 1 18.89 2.35 -25.28
C GLY D 1 19.28 2.06 -23.85
N SER D 2 18.71 2.83 -22.93
CA SER D 2 18.97 2.62 -21.49
C SER D 2 17.69 2.23 -20.76
N HIS D 3 17.85 1.42 -19.70
CA HIS D 3 16.73 0.90 -18.90
C HIS D 3 17.01 0.92 -17.40
N MET D 4 16.04 1.41 -16.64
CA MET D 4 16.16 1.39 -15.16
C MET D 4 16.26 -0.04 -14.64
N GLU D 5 15.73 -0.99 -15.40
CA GLU D 5 15.81 -2.42 -15.13
C GLU D 5 17.25 -2.94 -15.13
N TYR D 6 18.15 -2.20 -15.78
CA TYR D 6 19.56 -2.56 -15.80
C TYR D 6 20.38 -1.60 -14.93
N CYS D 7 19.84 -1.26 -13.76
CA CYS D 7 20.58 -0.45 -12.80
C CYS D 7 20.72 -1.17 -11.48
N PRO D 8 21.70 -2.09 -11.41
CA PRO D 8 21.87 -2.93 -10.21
C PRO D 8 22.31 -2.08 -9.02
N LYS D 9 22.00 -2.55 -7.83
CA LYS D 9 22.38 -1.82 -6.62
C LYS D 9 23.33 -2.65 -5.77
N MET D 10 24.29 -1.98 -5.16
CA MET D 10 25.21 -2.62 -4.24
C MET D 10 24.65 -2.60 -2.83
N LEU D 11 24.64 -3.76 -2.18
CA LEU D 11 24.22 -3.83 -0.80
C LEU D 11 25.40 -4.15 0.09
N SER D 12 25.37 -3.56 1.27
CA SER D 12 26.28 -3.96 2.34
C SER D 12 25.69 -5.06 3.23
N GLU D 13 24.36 -5.18 3.22
CA GLU D 13 23.65 -6.25 3.96
C GLU D 13 22.40 -6.65 3.19
N ILE D 14 22.25 -7.94 2.93
CA ILE D 14 21.02 -8.46 2.33
C ILE D 14 19.98 -8.64 3.42
N ARG D 15 18.76 -8.16 3.15
CA ARG D 15 17.63 -8.30 4.06
C ARG D 15 16.59 -9.21 3.41
N GLN D 16 15.65 -9.74 4.21
CA GLN D 16 14.59 -10.56 3.63
C GLN D 16 13.82 -9.77 2.57
N GLU D 17 13.64 -8.48 2.81
CA GLU D 17 12.98 -7.57 1.86
C GLU D 17 13.64 -7.57 0.49
N ASP D 18 14.97 -7.63 0.46
CA ASP D 18 15.73 -7.70 -0.80
C ASP D 18 15.47 -9.02 -1.53
N ILE D 19 15.52 -10.12 -0.78
CA ILE D 19 15.29 -11.47 -1.32
C ILE D 19 13.85 -11.60 -1.86
N ASN D 20 12.90 -10.99 -1.16
CA ASN D 20 11.50 -11.01 -1.58
C ASN D 20 11.27 -10.33 -2.94
N ASP D 21 12.12 -9.37 -3.27
CA ASP D 21 11.95 -8.56 -4.48
C ASP D 21 12.62 -9.13 -5.73
N VAL D 22 13.25 -10.30 -5.59
CA VAL D 22 13.88 -10.96 -6.75
C VAL D 22 13.33 -12.37 -7.01
N GLU D 23 13.74 -12.95 -8.13
CA GLU D 23 13.34 -14.32 -8.50
C GLU D 23 14.37 -15.41 -8.17
N THR D 24 15.65 -15.08 -8.31
CA THR D 24 16.74 -16.01 -7.99
C THR D 24 17.86 -15.28 -7.26
N VAL D 25 18.59 -16.01 -6.42
CA VAL D 25 19.77 -15.46 -5.74
C VAL D 25 20.87 -16.46 -5.97
N ALA D 26 22.00 -15.97 -6.47
CA ALA D 26 23.08 -16.84 -6.94
C ALA D 26 24.42 -16.43 -6.38
N TYR D 27 25.31 -17.40 -6.32
CA TYR D 27 26.73 -17.23 -5.93
C TYR D 27 27.53 -17.24 -7.22
N VAL D 28 28.12 -16.09 -7.55
CA VAL D 28 28.86 -15.93 -8.79
C VAL D 28 30.26 -15.35 -8.59
N THR D 29 31.09 -15.53 -9.61
CA THR D 29 32.35 -14.79 -9.76
C THR D 29 32.27 -13.89 -10.99
N VAL D 30 32.70 -12.64 -10.85
CA VAL D 30 32.91 -11.80 -12.03
C VAL D 30 34.23 -12.19 -12.69
N THR D 31 34.17 -12.63 -13.95
CA THR D 31 35.35 -13.16 -14.65
C THR D 31 35.92 -12.19 -15.69
N GLY D 32 35.22 -11.09 -15.92
CA GLY D 32 35.64 -10.07 -16.88
C GLY D 32 34.52 -9.10 -17.17
N LYS D 33 34.75 -8.20 -18.11
CA LYS D 33 33.73 -7.24 -18.52
C LYS D 33 33.84 -7.02 -20.03
N THR D 34 32.68 -7.00 -20.70
CA THR D 34 32.63 -6.68 -22.14
C THR D 34 31.51 -5.68 -22.37
N ALA D 35 31.86 -4.55 -22.98
CA ALA D 35 30.95 -3.42 -23.18
C ALA D 35 30.31 -2.97 -21.86
N ARG D 36 28.99 -3.11 -21.75
CA ARG D 36 28.26 -2.65 -20.56
C ARG D 36 27.82 -3.79 -19.63
N SER D 37 28.24 -5.02 -19.94
CA SER D 37 27.91 -6.19 -19.13
CA SER D 37 27.91 -6.18 -19.12
C SER D 37 29.13 -6.89 -18.53
N TYR D 38 29.01 -7.31 -17.28
CA TYR D 38 30.03 -8.10 -16.61
C TYR D 38 29.86 -9.54 -17.05
N ASN D 39 30.96 -10.28 -17.18
CA ASN D 39 30.90 -11.72 -17.43
C ASN D 39 30.83 -12.47 -16.09
N LEU D 40 29.96 -13.47 -16.01
CA LEU D 40 29.75 -14.23 -14.75
C LEU D 40 30.01 -15.73 -14.87
N GLN D 41 30.61 -16.28 -13.83
CA GLN D 41 30.64 -17.73 -13.61
C GLN D 41 29.70 -18.00 -12.45
N TYR D 42 28.78 -18.95 -12.63
CA TYR D 42 27.86 -19.36 -11.56
C TYR D 42 28.35 -20.58 -10.82
N TRP D 43 28.25 -20.55 -9.49
CA TRP D 43 28.66 -21.65 -8.62
C TRP D 43 27.49 -22.34 -7.94
N ARG D 44 26.46 -21.57 -7.60
CA ARG D 44 25.32 -22.06 -6.83
C ARG D 44 24.14 -21.12 -6.99
N LEU D 45 22.95 -21.68 -7.09
CA LEU D 45 21.71 -20.93 -6.87
C LEU D 45 21.21 -21.26 -5.48
N TYR D 46 21.06 -20.22 -4.64
CA TYR D 46 20.54 -20.45 -3.30
C TYR D 46 19.07 -20.79 -3.36
N ASP D 47 18.57 -21.49 -2.36
CA ASP D 47 17.15 -21.87 -2.28
C ASP D 47 16.22 -20.77 -1.72
N VAL D 48 16.56 -19.51 -2.03
CA VAL D 48 15.74 -18.35 -1.64
C VAL D 48 15.54 -17.45 -2.86
N PRO D 49 14.34 -16.86 -3.01
CA PRO D 49 13.13 -16.92 -2.19
C PRO D 49 12.41 -18.27 -2.27
N LYS D 50 12.72 -19.03 -3.32
CA LYS D 50 12.17 -20.37 -3.50
C LYS D 50 13.31 -21.36 -3.76
N THR D 51 13.04 -22.65 -3.55
CA THR D 51 14.03 -23.66 -3.88
C THR D 51 14.45 -23.54 -5.34
N ALA D 52 15.76 -23.64 -5.56
CA ALA D 52 16.34 -23.40 -6.88
C ALA D 52 16.02 -24.54 -7.85
N PRO D 53 15.98 -24.22 -9.17
CA PRO D 53 15.90 -25.24 -10.22
C PRO D 53 17.12 -26.13 -10.16
N SER D 54 16.95 -27.40 -10.51
CA SER D 54 18.03 -28.37 -10.51
C SER D 54 19.07 -28.07 -11.60
N GLN D 55 18.59 -27.51 -12.72
CA GLN D 55 19.46 -27.13 -13.83
C GLN D 55 19.62 -25.61 -13.96
N TRP D 56 20.83 -25.19 -14.29
CA TRP D 56 21.12 -23.78 -14.56
C TRP D 56 22.44 -23.63 -15.29
N PRO D 57 22.56 -22.58 -16.13
CA PRO D 57 23.80 -22.36 -16.89
C PRO D 57 24.98 -22.01 -15.99
N SER D 58 26.17 -22.41 -16.41
CA SER D 58 27.39 -22.11 -15.68
C SER D 58 27.82 -20.66 -15.88
N PHE D 59 27.37 -20.06 -16.99
CA PHE D 59 27.83 -18.74 -17.40
C PHE D 59 26.67 -17.79 -17.62
N GLY D 60 26.89 -16.52 -17.29
CA GLY D 60 25.90 -15.50 -17.54
C GLY D 60 26.54 -14.13 -17.65
N THR D 61 25.71 -13.10 -17.69
CA THR D 61 26.17 -11.72 -17.77
C THR D 61 25.31 -10.81 -16.89
N LEU D 62 25.86 -9.66 -16.51
CA LEU D 62 25.13 -8.65 -15.76
C LEU D 62 25.32 -7.28 -16.41
N ARG D 63 24.25 -6.72 -16.95
CA ARG D 63 24.30 -5.41 -17.59
C ARG D 63 24.08 -4.31 -16.57
N ASP D 64 24.87 -3.24 -16.70
CA ASP D 64 24.72 -2.09 -15.83
C ASP D 64 24.70 -0.79 -16.65
N ASP D 65 23.52 -0.19 -16.75
CA ASP D 65 23.31 1.05 -17.47
C ASP D 65 23.61 2.30 -16.64
N CYS D 66 23.65 2.14 -15.32
CA CYS D 66 23.77 3.27 -14.39
C CYS D 66 25.21 3.53 -13.93
N GLY D 67 25.96 2.46 -13.69
CA GLY D 67 27.34 2.57 -13.22
C GLY D 67 27.47 2.80 -11.72
N ASN D 68 26.38 2.56 -10.98
CA ASN D 68 26.38 2.76 -9.53
C ASN D 68 27.24 1.73 -8.79
N ILE D 69 27.18 0.48 -9.25
CA ILE D 69 28.07 -0.54 -8.76
C ILE D 69 29.38 -0.44 -9.56
N GLN D 70 30.48 -0.86 -8.95
CA GLN D 70 31.77 -0.92 -9.64
C GLN D 70 32.45 -2.22 -9.20
N LEU D 71 32.12 -3.30 -9.89
CA LEU D 71 32.57 -4.62 -9.46
C LEU D 71 34.03 -4.80 -9.84
N THR D 72 34.74 -5.64 -9.08
CA THR D 72 36.14 -5.89 -9.34
C THR D 72 36.34 -7.21 -10.05
N ALA D 73 37.37 -7.28 -10.90
CA ALA D 73 37.69 -8.51 -11.63
C ALA D 73 37.98 -9.66 -10.67
N ASP D 74 37.56 -10.88 -11.06
CA ASP D 74 37.83 -12.11 -10.29
C ASP D 74 37.32 -12.09 -8.86
N THR D 75 36.20 -11.43 -8.62
CA THR D 75 35.65 -11.29 -7.28
CA THR D 75 35.67 -11.35 -7.26
C THR D 75 34.29 -11.97 -7.18
N ASP D 76 34.02 -12.59 -6.03
CA ASP D 76 32.78 -13.33 -5.80
C ASP D 76 31.69 -12.46 -5.23
N TYR D 77 30.47 -12.68 -5.70
CA TYR D 77 29.29 -11.94 -5.28
C TYR D 77 28.08 -12.83 -5.09
N VAL D 78 27.19 -12.38 -4.20
CA VAL D 78 25.82 -12.88 -4.16
C VAL D 78 25.02 -11.92 -5.06
N LEU D 79 24.31 -12.50 -6.02
CA LEU D 79 23.58 -11.71 -7.00
C LEU D 79 22.10 -12.11 -7.00
N GLY D 80 21.24 -11.15 -6.71
CA GLY D 80 19.79 -11.40 -6.68
C GLY D 80 19.16 -10.67 -7.82
N CYS D 81 18.42 -11.39 -8.67
CA CYS D 81 17.87 -10.80 -9.89
C CYS D 81 16.46 -11.26 -10.23
N LYS D 82 15.78 -10.44 -11.03
CA LYS D 82 14.59 -10.85 -11.76
C LYS D 82 15.07 -11.37 -13.12
N SER D 83 14.15 -12.03 -13.84
CA SER D 83 14.46 -12.63 -15.14
CA SER D 83 14.46 -12.63 -15.14
CA SER D 83 14.44 -12.63 -15.15
C SER D 83 15.22 -11.68 -16.05
N GLY D 84 16.21 -12.22 -16.77
CA GLY D 84 17.08 -11.43 -17.64
C GLY D 84 18.18 -10.67 -16.91
N ASN D 85 18.40 -11.05 -15.64
CA ASN D 85 19.32 -10.35 -14.75
C ASN D 85 19.01 -8.85 -14.71
N GLN D 86 17.77 -8.56 -14.32
CA GLN D 86 17.25 -7.21 -14.17
C GLN D 86 16.82 -6.98 -12.73
N ASP D 87 16.72 -5.71 -12.34
CA ASP D 87 16.30 -5.31 -11.00
C ASP D 87 17.13 -6.04 -9.95
N CYS D 88 18.44 -6.03 -10.16
CA CYS D 88 19.35 -6.84 -9.35
C CYS D 88 19.92 -6.11 -8.13
N PHE D 89 20.26 -6.91 -7.12
CA PHE D 89 21.17 -6.46 -6.05
C PHE D 89 22.44 -7.31 -6.07
N VAL D 90 23.52 -6.73 -5.58
CA VAL D 90 24.83 -7.37 -5.52
C VAL D 90 25.40 -7.19 -4.11
N LYS D 91 25.94 -8.28 -3.56
CA LYS D 91 26.60 -8.24 -2.26
C LYS D 91 27.93 -8.99 -2.34
N LEU D 92 28.99 -8.38 -1.82
CA LEU D 92 30.30 -9.06 -1.75
C LEU D 92 30.17 -10.40 -0.99
N HIS D 93 30.50 -11.52 -1.66
CA HIS D 93 30.38 -12.85 -1.02
C HIS D 93 31.27 -13.01 0.22
N ASP D 94 32.52 -12.56 0.10
CA ASP D 94 33.47 -12.61 1.21
C ASP D 94 33.01 -11.76 2.41
N GLY D 95 32.09 -10.84 2.16
CA GLY D 95 31.55 -9.96 3.21
C GLY D 95 30.27 -10.43 3.88
N LEU D 96 29.79 -11.64 3.54
CA LEU D 96 28.54 -12.15 4.14
C LEU D 96 28.70 -12.31 5.66
N SER D 97 27.76 -11.73 6.39
CA SER D 97 27.64 -11.94 7.84
C SER D 97 27.01 -13.31 8.13
N GLN D 98 27.06 -13.73 9.38
CA GLN D 98 26.37 -14.96 9.79
C GLN D 98 24.85 -14.85 9.56
N LYS D 99 24.26 -13.70 9.88
CA LYS D 99 22.83 -13.50 9.65
C LYS D 99 22.46 -13.65 8.18
N GLU D 100 23.28 -13.11 7.29
CA GLU D 100 23.04 -13.23 5.85
C GLU D 100 23.15 -14.68 5.36
N LYS D 101 24.13 -15.41 5.90
CA LYS D 101 24.27 -16.85 5.59
C LYS D 101 23.03 -17.64 6.01
N ASP D 102 22.46 -17.24 7.14
CA ASP D 102 21.20 -17.81 7.64
C ASP D 102 20.03 -17.45 6.71
N LEU D 103 20.02 -16.20 6.22
CA LEU D 103 18.95 -15.75 5.31
CA LEU D 103 18.98 -15.72 5.31
C LEU D 103 19.01 -16.47 3.98
N LEU D 104 20.23 -16.78 3.54
CA LEU D 104 20.43 -17.41 2.24
C LEU D 104 20.31 -18.91 2.36
N LYS D 105 20.19 -19.39 3.60
CA LYS D 105 20.17 -20.83 3.89
C LYS D 105 21.41 -21.51 3.32
N GLU D 106 22.57 -20.87 3.51
N GLU D 106 22.57 -20.88 3.53
CA GLU D 106 23.83 -21.32 2.93
CA GLU D 106 23.84 -21.36 3.01
C GLU D 106 24.18 -22.76 3.31
C GLU D 106 24.21 -22.73 3.59
N GLY E 1 -31.57 16.71 -7.31
CA GLY E 1 -31.18 15.37 -6.79
C GLY E 1 -29.90 14.87 -7.44
N SER E 2 -29.57 13.61 -7.20
CA SER E 2 -28.38 12.99 -7.82
C SER E 2 -28.78 11.81 -8.70
N HIS E 3 -28.00 11.60 -9.76
CA HIS E 3 -28.33 10.60 -10.78
C HIS E 3 -27.09 9.81 -11.22
N MET E 4 -27.24 8.49 -11.35
CA MET E 4 -26.16 7.66 -11.86
CA MET E 4 -26.16 7.66 -11.86
C MET E 4 -25.83 8.03 -13.31
N GLU E 5 -26.82 8.57 -14.01
CA GLU E 5 -26.64 9.06 -15.38
C GLU E 5 -25.67 10.26 -15.47
N TYR E 6 -25.49 10.97 -14.36
CA TYR E 6 -24.55 12.10 -14.31
C TYR E 6 -23.29 11.76 -13.50
N CYS E 7 -22.82 10.54 -13.69
CA CYS E 7 -21.62 10.07 -13.03
CA CYS E 7 -21.64 10.03 -13.00
C CYS E 7 -20.60 9.60 -14.05
N PRO E 8 -19.93 10.57 -14.72
CA PRO E 8 -18.98 10.23 -15.79
C PRO E 8 -17.75 9.52 -15.24
N LYS E 9 -17.12 8.72 -16.10
CA LYS E 9 -15.95 7.96 -15.69
C LYS E 9 -14.75 8.29 -16.54
N MET E 10 -13.58 8.28 -15.91
CA MET E 10 -12.33 8.50 -16.64
C MET E 10 -11.89 7.14 -17.13
N LEU E 11 -11.47 7.08 -18.39
CA LEU E 11 -10.88 5.84 -18.89
C LEU E 11 -9.37 5.96 -18.99
N SER E 12 -8.65 4.88 -18.73
CA SER E 12 -7.22 4.84 -19.00
C SER E 12 -7.01 4.60 -20.50
N GLU E 13 -7.94 3.86 -21.10
CA GLU E 13 -7.89 3.49 -22.50
C GLU E 13 -9.30 3.40 -23.11
N ILE E 14 -9.49 3.99 -24.28
CA ILE E 14 -10.77 3.89 -24.97
C ILE E 14 -10.73 2.59 -25.76
N ARG E 15 -11.73 1.75 -25.53
CA ARG E 15 -11.87 0.51 -26.30
C ARG E 15 -13.16 0.59 -27.11
N GLN E 16 -13.32 -0.34 -28.06
CA GLN E 16 -14.51 -0.36 -28.92
C GLN E 16 -15.81 -0.50 -28.11
N GLU E 17 -15.78 -1.31 -27.04
CA GLU E 17 -16.92 -1.46 -26.13
C GLU E 17 -17.44 -0.14 -25.52
N ASP E 18 -16.51 0.75 -25.22
CA ASP E 18 -16.85 2.08 -24.67
C ASP E 18 -17.59 2.92 -25.72
N ILE E 19 -17.05 2.94 -26.93
CA ILE E 19 -17.62 3.64 -28.08
C ILE E 19 -19.01 3.09 -28.44
N ASN E 20 -19.15 1.78 -28.41
CA ASN E 20 -20.45 1.13 -28.68
C ASN E 20 -21.57 1.52 -27.72
N ASP E 21 -21.21 1.88 -26.50
CA ASP E 21 -22.18 2.20 -25.45
C ASP E 21 -22.66 3.65 -25.39
N VAL E 22 -22.19 4.51 -26.29
CA VAL E 22 -22.58 5.93 -26.28
C VAL E 22 -23.22 6.35 -27.61
N GLU E 23 -23.79 7.55 -27.65
CA GLU E 23 -24.39 8.07 -28.87
C GLU E 23 -23.41 8.90 -29.72
N THR E 24 -22.67 9.78 -29.06
CA THR E 24 -21.66 10.59 -29.73
C THR E 24 -20.31 10.49 -29.02
N VAL E 25 -19.24 10.71 -29.77
CA VAL E 25 -17.89 10.87 -29.21
C VAL E 25 -17.35 12.20 -29.73
N ALA E 26 -16.83 13.03 -28.83
CA ALA E 26 -16.46 14.41 -29.17
C ALA E 26 -15.03 14.73 -28.73
N TYR E 27 -14.40 15.66 -29.44
CA TYR E 27 -13.12 16.23 -29.05
C TYR E 27 -13.43 17.60 -28.45
N VAL E 28 -13.17 17.75 -27.16
CA VAL E 28 -13.55 18.97 -26.41
C VAL E 28 -12.40 19.57 -25.61
N THR E 29 -12.56 20.83 -25.24
CA THR E 29 -11.71 21.48 -24.25
C THR E 29 -12.61 21.91 -23.10
N VAL E 30 -12.18 21.59 -21.88
CA VAL E 30 -12.87 22.05 -20.69
C VAL E 30 -12.42 23.48 -20.48
N THR E 31 -13.40 24.38 -20.37
CA THR E 31 -13.14 25.82 -20.25
C THR E 31 -13.40 26.39 -18.85
N GLY E 32 -14.00 25.57 -17.99
CA GLY E 32 -14.28 25.96 -16.60
C GLY E 32 -15.25 25.01 -15.92
N LYS E 33 -15.50 25.25 -14.64
CA LYS E 33 -16.50 24.48 -13.90
C LYS E 33 -17.41 25.39 -13.09
N THR E 34 -18.70 25.05 -13.09
CA THR E 34 -19.73 25.83 -12.42
C THR E 34 -20.61 24.91 -11.59
N ALA E 35 -20.47 25.04 -10.26
CA ALA E 35 -21.20 24.25 -9.28
C ALA E 35 -21.14 22.73 -9.50
N ARG E 36 -21.99 22.22 -10.40
CA ARG E 36 -22.06 20.79 -10.65
CA ARG E 36 -22.07 20.78 -10.66
C ARG E 36 -21.63 20.39 -12.06
N SER E 37 -21.36 21.38 -12.91
CA SER E 37 -21.02 21.09 -14.31
C SER E 37 -19.73 21.73 -14.84
N TYR E 38 -19.02 20.98 -15.68
CA TYR E 38 -17.91 21.51 -16.47
C TYR E 38 -18.43 22.23 -17.71
N ASN E 39 -17.84 23.38 -18.03
CA ASN E 39 -18.10 24.04 -19.30
C ASN E 39 -17.16 23.51 -20.39
N LEU E 40 -17.73 23.28 -21.57
CA LEU E 40 -17.00 22.70 -22.68
C LEU E 40 -17.04 23.53 -23.95
N GLN E 41 -15.94 23.51 -24.69
CA GLN E 41 -15.99 23.89 -26.10
C GLN E 41 -15.72 22.68 -26.97
N TYR E 42 -16.55 22.54 -28.00
CA TYR E 42 -16.48 21.39 -28.93
C TYR E 42 -15.63 21.72 -30.15
N TRP E 43 -14.68 20.84 -30.47
CA TRP E 43 -13.86 21.01 -31.66
C TRP E 43 -14.30 20.09 -32.80
N ARG E 44 -14.80 18.91 -32.44
CA ARG E 44 -15.12 17.89 -33.42
C ARG E 44 -16.02 16.83 -32.79
N LEU E 45 -16.96 16.32 -33.58
CA LEU E 45 -17.62 15.06 -33.25
C LEU E 45 -17.01 14.03 -34.17
N TYR E 46 -16.55 12.94 -33.58
CA TYR E 46 -15.98 11.84 -34.36
C TYR E 46 -17.09 11.05 -35.03
N ASP E 47 -16.75 10.31 -36.08
CA ASP E 47 -17.74 9.52 -36.81
C ASP E 47 -17.93 8.11 -36.25
N VAL E 48 -17.73 7.98 -34.94
CA VAL E 48 -17.99 6.73 -34.20
C VAL E 48 -18.93 7.01 -33.02
N PRO E 49 -19.81 6.06 -32.69
CA PRO E 49 -19.98 4.74 -33.31
C PRO E 49 -20.75 4.81 -34.64
N LYS E 50 -21.29 5.99 -34.94
CA LYS E 50 -21.92 6.25 -36.24
C LYS E 50 -21.55 7.65 -36.74
N THR E 51 -21.87 7.92 -38.00
CA THR E 51 -21.60 9.22 -38.62
C THR E 51 -22.11 10.35 -37.74
N ALA E 52 -21.24 11.34 -37.52
CA ALA E 52 -21.57 12.52 -36.71
C ALA E 52 -22.73 13.29 -37.32
N PRO E 53 -23.63 13.83 -36.45
CA PRO E 53 -24.70 14.71 -36.92
C PRO E 53 -24.15 15.89 -37.72
N SER E 54 -24.92 16.35 -38.70
CA SER E 54 -24.49 17.41 -39.61
C SER E 54 -23.98 18.66 -38.90
N GLN E 55 -24.80 19.22 -38.02
CA GLN E 55 -24.42 20.38 -37.22
C GLN E 55 -24.41 20.06 -35.72
N TRP E 56 -23.55 20.76 -34.98
CA TRP E 56 -23.46 20.60 -33.53
C TRP E 56 -23.17 21.94 -32.86
N PRO E 57 -23.59 22.10 -31.59
CA PRO E 57 -23.24 23.33 -30.89
C PRO E 57 -21.74 23.41 -30.62
N SER E 58 -21.21 24.62 -30.54
CA SER E 58 -19.80 24.84 -30.25
C SER E 58 -19.52 24.72 -28.76
N PHE E 59 -20.59 24.78 -27.96
CA PHE E 59 -20.45 24.82 -26.50
C PHE E 59 -21.42 23.88 -25.83
N GLY E 60 -21.05 23.43 -24.62
CA GLY E 60 -21.90 22.56 -23.83
C GLY E 60 -21.44 22.43 -22.40
N THR E 61 -22.08 21.53 -21.67
CA THR E 61 -21.76 21.34 -20.26
C THR E 61 -21.71 19.86 -19.94
N LEU E 62 -20.93 19.51 -18.91
CA LEU E 62 -20.89 18.13 -18.43
C LEU E 62 -21.15 18.11 -16.93
N ARG E 63 -22.32 17.59 -16.55
CA ARG E 63 -22.66 17.45 -15.14
C ARG E 63 -21.98 16.25 -14.47
N ASP E 64 -21.49 16.46 -13.25
CA ASP E 64 -20.86 15.39 -12.50
C ASP E 64 -21.36 15.35 -11.05
N ASP E 65 -22.19 14.36 -10.75
CA ASP E 65 -22.81 14.20 -9.43
C ASP E 65 -21.96 13.36 -8.49
N CYS E 66 -20.93 12.72 -9.03
CA CYS E 66 -20.16 11.73 -8.32
C CYS E 66 -18.80 12.27 -7.88
N GLY E 67 -18.15 13.02 -8.77
CA GLY E 67 -16.81 13.55 -8.51
C GLY E 67 -15.70 12.55 -8.79
N ASN E 68 -15.99 11.53 -9.58
CA ASN E 68 -15.00 10.53 -9.96
C ASN E 68 -14.05 11.01 -11.06
N ILE E 69 -14.47 12.05 -11.77
CA ILE E 69 -13.57 12.75 -12.68
C ILE E 69 -13.19 14.09 -12.05
N GLN E 70 -11.98 14.55 -12.36
CA GLN E 70 -11.49 15.83 -11.86
C GLN E 70 -10.79 16.51 -13.03
N LEU E 71 -11.58 17.07 -13.94
CA LEU E 71 -11.02 17.62 -15.17
C LEU E 71 -10.39 18.98 -14.89
N THR E 72 -9.41 19.34 -15.70
CA THR E 72 -8.66 20.59 -15.51
C THR E 72 -9.01 21.60 -16.60
N ALA E 73 -8.95 22.88 -16.23
CA ALA E 73 -9.20 23.97 -17.18
C ALA E 73 -8.20 23.93 -18.34
N ASP E 74 -8.66 24.36 -19.51
CA ASP E 74 -7.82 24.51 -20.71
C ASP E 74 -7.22 23.19 -21.17
N THR E 75 -7.87 22.09 -20.82
CA THR E 75 -7.38 20.77 -21.14
C THR E 75 -8.32 20.06 -22.10
N ASP E 76 -7.72 19.31 -23.03
CA ASP E 76 -8.47 18.65 -24.08
C ASP E 76 -8.77 17.22 -23.69
N TYR E 77 -9.97 16.80 -24.04
CA TYR E 77 -10.47 15.48 -23.73
C TYR E 77 -11.27 14.90 -24.88
N VAL E 78 -11.30 13.58 -24.95
CA VAL E 78 -12.27 12.85 -25.73
C VAL E 78 -13.44 12.51 -24.81
N LEU E 79 -14.64 12.82 -25.26
CA LEU E 79 -15.82 12.72 -24.41
C LEU E 79 -16.91 11.93 -25.14
N GLY E 80 -17.27 10.79 -24.58
CA GLY E 80 -18.27 9.91 -25.16
C GLY E 80 -19.51 9.99 -24.29
N CYS E 81 -20.67 10.23 -24.92
CA CYS E 81 -21.89 10.48 -24.15
C CYS E 81 -23.15 9.92 -24.79
N LYS E 82 -24.12 9.66 -23.93
CA LYS E 82 -25.51 9.55 -24.38
C LYS E 82 -26.16 10.93 -24.31
N SER E 83 -27.41 11.01 -24.78
CA SER E 83 -28.16 12.27 -24.83
C SER E 83 -28.24 13.01 -23.50
N GLY E 84 -28.02 14.32 -23.57
CA GLY E 84 -28.05 15.16 -22.37
C GLY E 84 -26.72 15.10 -21.65
N ASN E 85 -25.69 14.63 -22.34
CA ASN E 85 -24.38 14.37 -21.77
C ASN E 85 -24.46 13.50 -20.52
N GLN E 86 -25.05 12.31 -20.72
CA GLN E 86 -25.26 11.32 -19.67
C GLN E 86 -24.50 10.02 -20.00
N ASP E 87 -24.19 9.24 -18.96
CA ASP E 87 -23.53 7.94 -19.11
C ASP E 87 -22.25 8.07 -19.92
N CYS E 88 -21.42 9.02 -19.48
CA CYS E 88 -20.27 9.49 -20.25
C CYS E 88 -18.99 8.79 -19.85
N PHE E 89 -18.07 8.71 -20.80
CA PHE E 89 -16.68 8.39 -20.50
C PHE E 89 -15.81 9.55 -20.96
N VAL E 90 -14.63 9.67 -20.37
CA VAL E 90 -13.73 10.79 -20.63
C VAL E 90 -12.32 10.24 -20.67
N LYS E 91 -11.54 10.72 -21.63
CA LYS E 91 -10.15 10.33 -21.81
C LYS E 91 -9.31 11.55 -22.19
N LEU E 92 -8.17 11.75 -21.53
CA LEU E 92 -7.24 12.83 -21.91
C LEU E 92 -6.86 12.73 -23.38
N HIS E 93 -7.10 13.80 -24.13
CA HIS E 93 -6.83 13.79 -25.57
C HIS E 93 -5.34 13.60 -25.90
N ASP E 94 -4.47 14.30 -25.17
CA ASP E 94 -3.03 14.16 -25.34
C ASP E 94 -2.53 12.74 -25.00
N GLY E 95 -3.37 11.98 -24.30
CA GLY E 95 -3.02 10.63 -23.87
C GLY E 95 -3.40 9.52 -24.83
N LEU E 96 -3.87 9.88 -26.02
CA LEU E 96 -4.30 8.89 -27.02
C LEU E 96 -3.15 8.10 -27.68
N SER E 97 -3.27 6.77 -27.69
CA SER E 97 -2.39 5.92 -28.50
C SER E 97 -2.91 5.91 -29.93
N GLN E 98 -2.08 5.40 -30.85
CA GLN E 98 -2.48 5.23 -32.24
C GLN E 98 -3.68 4.29 -32.38
N LYS E 99 -3.69 3.24 -31.57
CA LYS E 99 -4.80 2.31 -31.52
C LYS E 99 -6.12 3.02 -31.22
N GLU E 100 -6.10 3.92 -30.23
CA GLU E 100 -7.29 4.69 -29.85
C GLU E 100 -7.69 5.68 -30.94
N LYS E 101 -6.69 6.32 -31.55
CA LYS E 101 -6.94 7.22 -32.68
C LYS E 101 -7.59 6.47 -33.83
N ASP E 102 -7.17 5.23 -34.05
CA ASP E 102 -7.76 4.39 -35.09
C ASP E 102 -9.23 4.11 -34.80
N LEU E 103 -9.52 3.78 -33.53
CA LEU E 103 -10.88 3.49 -33.09
C LEU E 103 -11.78 4.71 -33.25
N LEU E 104 -11.18 5.89 -33.09
CA LEU E 104 -11.89 7.15 -33.22
C LEU E 104 -12.03 7.58 -34.68
N LYS E 105 -11.36 6.85 -35.58
CA LYS E 105 -11.22 7.23 -36.99
C LYS E 105 -10.76 8.68 -37.14
N GLU E 106 -9.73 9.03 -36.36
N GLU E 106 -9.74 9.04 -36.35
CA GLU E 106 -9.21 10.39 -36.32
CA GLU E 106 -9.26 10.41 -36.27
C GLU E 106 -8.60 10.85 -37.64
C GLU E 106 -8.69 10.92 -37.59
N GLY F 1 2.21 11.46 24.12
CA GLY F 1 2.10 11.45 25.61
C GLY F 1 3.06 10.45 26.23
N SER F 2 2.77 10.03 27.46
CA SER F 2 3.60 9.05 28.16
C SER F 2 2.80 7.79 28.44
N HIS F 3 3.48 6.65 28.42
CA HIS F 3 2.83 5.36 28.59
C HIS F 3 3.61 4.44 29.50
N MET F 4 2.89 3.80 30.44
CA MET F 4 3.49 2.77 31.29
CA MET F 4 3.50 2.77 31.30
C MET F 4 4.06 1.62 30.45
N GLU F 5 3.46 1.40 29.28
CA GLU F 5 3.91 0.36 28.35
C GLU F 5 5.29 0.68 27.76
N TYR F 6 5.71 1.94 27.89
CA TYR F 6 7.02 2.35 27.38
C TYR F 6 7.97 2.68 28.51
N CYS F 7 7.84 1.95 29.61
CA CYS F 7 8.73 2.11 30.75
C CYS F 7 9.44 0.78 31.03
N PRO F 8 10.51 0.48 30.26
CA PRO F 8 11.19 -0.80 30.47
C PRO F 8 11.76 -0.93 31.88
N LYS F 9 11.93 -2.15 32.35
CA LYS F 9 12.52 -2.38 33.67
CA LYS F 9 12.51 -2.39 33.67
C LYS F 9 13.73 -3.30 33.56
N MET F 10 14.69 -3.11 34.46
CA MET F 10 15.77 -4.07 34.56
C MET F 10 15.22 -5.23 35.37
N LEU F 11 15.64 -6.45 35.05
CA LEU F 11 15.35 -7.61 35.90
C LEU F 11 16.65 -8.21 36.37
N SER F 12 16.75 -8.47 37.68
CA SER F 12 17.98 -8.95 38.29
C SER F 12 18.26 -10.41 37.88
N GLU F 13 17.19 -11.17 37.69
CA GLU F 13 17.22 -12.58 37.28
C GLU F 13 16.01 -12.81 36.38
N ILE F 14 16.20 -13.52 35.27
CA ILE F 14 15.09 -13.80 34.35
C ILE F 14 14.54 -15.19 34.67
N ARG F 15 13.23 -15.30 34.82
CA ARG F 15 12.59 -16.57 35.13
C ARG F 15 11.60 -16.95 34.02
N GLN F 16 11.15 -18.20 34.04
CA GLN F 16 10.16 -18.64 33.05
C GLN F 16 8.91 -17.77 33.02
N GLU F 17 8.43 -17.36 34.19
CA GLU F 17 7.23 -16.51 34.26
C GLU F 17 7.37 -15.18 33.52
N ASP F 18 8.57 -14.57 33.56
CA ASP F 18 8.84 -13.31 32.84
C ASP F 18 8.84 -13.53 31.33
N ILE F 19 9.46 -14.62 30.91
CA ILE F 19 9.49 -15.02 29.49
C ILE F 19 8.06 -15.25 28.99
N ASN F 20 7.23 -15.89 29.81
CA ASN F 20 5.85 -16.18 29.43
C ASN F 20 4.94 -14.95 29.34
N ASP F 21 5.40 -13.84 29.92
CA ASP F 21 4.67 -12.58 29.91
C ASP F 21 5.06 -11.65 28.75
N VAL F 22 5.97 -12.10 27.88
CA VAL F 22 6.38 -11.30 26.71
C VAL F 22 6.13 -12.07 25.44
N GLU F 23 6.36 -11.42 24.29
CA GLU F 23 6.12 -12.06 23.02
C GLU F 23 7.41 -12.52 22.36
N THR F 24 8.47 -11.73 22.52
CA THR F 24 9.79 -12.11 22.00
C THR F 24 10.86 -11.82 23.03
N VAL F 25 11.99 -12.54 22.91
CA VAL F 25 13.17 -12.27 23.73
C VAL F 25 14.34 -12.25 22.77
N ALA F 26 15.10 -11.15 22.85
CA ALA F 26 16.14 -10.88 21.90
C ALA F 26 17.49 -10.64 22.57
N TYR F 27 18.55 -10.94 21.83
CA TYR F 27 19.95 -10.65 22.20
C TYR F 27 20.30 -9.40 21.37
N VAL F 28 20.49 -8.27 22.06
CA VAL F 28 20.71 -6.95 21.42
C VAL F 28 21.98 -6.24 21.88
N THR F 29 22.45 -5.27 21.08
CA THR F 29 23.47 -4.31 21.52
C THR F 29 22.90 -2.92 21.42
N VAL F 30 23.07 -2.14 22.48
CA VAL F 30 22.73 -0.72 22.41
C VAL F 30 23.78 0.01 21.55
N THR F 31 23.32 0.67 20.49
CA THR F 31 24.22 1.36 19.57
C THR F 31 24.09 2.88 19.62
N GLY F 32 23.14 3.39 20.38
CA GLY F 32 22.91 4.83 20.40
C GLY F 32 21.76 5.21 21.31
N LYS F 33 21.62 6.50 21.59
CA LYS F 33 20.59 6.97 22.52
C LYS F 33 20.15 8.38 22.12
N THR F 34 18.84 8.51 21.90
CA THR F 34 18.19 9.80 21.66
C THR F 34 17.54 10.23 22.96
N ALA F 35 16.89 11.39 22.96
CA ALA F 35 16.09 11.84 24.10
C ALA F 35 14.95 10.88 24.43
N ARG F 36 14.43 10.21 23.39
CA ARG F 36 13.26 9.32 23.54
C ARG F 36 13.59 7.83 23.65
N SER F 37 14.50 7.36 22.81
CA SER F 37 14.69 5.92 22.61
C SER F 37 16.14 5.52 22.40
N TYR F 38 16.43 4.27 22.74
CA TYR F 38 17.71 3.68 22.44
C TYR F 38 17.67 3.10 21.04
N ASN F 39 18.81 3.14 20.36
CA ASN F 39 18.98 2.41 19.12
C ASN F 39 19.59 1.05 19.43
N LEU F 40 19.10 0.03 18.73
CA LEU F 40 19.47 -1.36 18.98
C LEU F 40 19.96 -2.09 17.74
N GLN F 41 20.99 -2.91 17.93
CA GLN F 41 21.38 -3.92 16.96
C GLN F 41 20.87 -5.26 17.47
N TYR F 42 20.23 -6.03 16.58
CA TYR F 42 19.71 -7.36 16.92
C TYR F 42 20.64 -8.47 16.46
N TRP F 43 20.97 -9.36 17.39
CA TRP F 43 21.85 -10.46 17.07
C TRP F 43 21.10 -11.77 16.92
N ARG F 44 20.03 -11.92 17.70
CA ARG F 44 19.30 -13.18 17.80
C ARG F 44 17.95 -12.95 18.47
N LEU F 45 16.93 -13.63 17.96
CA LEU F 45 15.66 -13.77 18.69
C LEU F 45 15.65 -15.18 19.22
N TYR F 46 15.58 -15.32 20.55
CA TYR F 46 15.53 -16.64 21.16
C TYR F 46 14.18 -17.32 20.85
N ASP F 47 14.16 -18.66 20.85
CA ASP F 47 12.92 -19.40 20.58
C ASP F 47 12.08 -19.61 21.84
N VAL F 48 11.93 -18.53 22.63
CA VAL F 48 11.10 -18.55 23.84
C VAL F 48 10.38 -17.18 23.93
N PRO F 49 9.11 -17.16 24.39
CA PRO F 49 8.28 -18.29 24.85
C PRO F 49 7.75 -19.18 23.71
N LYS F 50 7.96 -18.76 22.46
CA LYS F 50 7.62 -19.59 21.29
C LYS F 50 8.71 -19.41 20.26
N THR F 51 8.69 -20.28 19.24
CA THR F 51 9.58 -20.14 18.12
C THR F 51 9.67 -18.71 17.62
N ALA F 52 10.90 -18.24 17.44
CA ALA F 52 11.13 -16.88 16.96
C ALA F 52 10.58 -16.69 15.55
N PRO F 53 10.01 -15.50 15.28
CA PRO F 53 9.48 -15.18 13.97
C PRO F 53 10.56 -15.37 12.93
N SER F 54 10.17 -15.80 11.74
CA SER F 54 11.10 -16.17 10.68
C SER F 54 11.88 -14.96 10.13
N GLN F 55 11.31 -13.78 10.31
CA GLN F 55 11.84 -12.56 9.74
C GLN F 55 11.89 -11.50 10.83
N TRP F 56 13.02 -10.79 10.93
CA TRP F 56 13.21 -9.68 11.86
CA TRP F 56 13.14 -9.62 11.79
C TRP F 56 14.35 -8.78 11.41
N PRO F 57 14.26 -7.45 11.64
CA PRO F 57 15.35 -6.58 11.20
C PRO F 57 16.57 -6.64 12.10
N SER F 58 17.74 -6.30 11.55
CA SER F 58 18.99 -6.28 12.31
C SER F 58 19.04 -5.11 13.28
N PHE F 59 18.14 -4.14 13.10
CA PHE F 59 18.15 -2.92 13.90
C PHE F 59 16.76 -2.56 14.38
N GLY F 60 16.70 -1.84 15.49
CA GLY F 60 15.44 -1.46 16.09
C GLY F 60 15.65 -0.34 17.10
N THR F 61 14.60 -0.03 17.83
CA THR F 61 14.62 1.02 18.84
C THR F 61 13.88 0.55 20.08
N LEU F 62 14.18 1.19 21.22
CA LEU F 62 13.52 0.91 22.47
C LEU F 62 13.19 2.24 23.15
N ARG F 63 11.91 2.54 23.24
CA ARG F 63 11.45 3.80 23.80
C ARG F 63 11.37 3.68 25.32
N ASP F 64 11.76 4.73 26.05
CA ASP F 64 11.72 4.75 27.51
C ASP F 64 11.16 6.07 28.02
N ASP F 65 9.92 6.02 28.51
CA ASP F 65 9.21 7.21 28.98
C ASP F 65 9.51 7.52 30.44
N CYS F 66 10.11 6.57 31.16
CA CYS F 66 10.24 6.66 32.62
C CYS F 66 11.66 6.95 33.10
N GLY F 67 12.65 6.37 32.40
CA GLY F 67 14.04 6.49 32.82
C GLY F 67 14.39 5.56 33.98
N ASN F 68 13.65 4.45 34.11
CA ASN F 68 13.96 3.44 35.13
C ASN F 68 15.10 2.51 34.73
N ILE F 69 15.49 2.57 33.45
CA ILE F 69 16.71 1.93 32.98
C ILE F 69 17.68 3.04 32.54
N GLN F 70 18.97 2.71 32.52
CA GLN F 70 19.99 3.62 32.01
C GLN F 70 21.01 2.73 31.31
N LEU F 71 20.65 2.28 30.11
CA LEU F 71 21.46 1.33 29.35
C LEU F 71 22.74 2.01 28.87
N THR F 72 23.84 1.29 28.97
CA THR F 72 25.13 1.87 28.60
C THR F 72 25.39 1.64 27.12
N ALA F 73 26.11 2.59 26.53
CA ALA F 73 26.48 2.55 25.12
C ALA F 73 27.30 1.31 24.79
N ASP F 74 27.04 0.76 23.60
CA ASP F 74 27.80 -0.38 23.05
C ASP F 74 27.76 -1.64 23.92
N THR F 75 26.67 -1.83 24.63
CA THR F 75 26.61 -2.87 25.63
C THR F 75 25.52 -3.87 25.25
N ASP F 76 25.74 -5.15 25.57
CA ASP F 76 24.84 -6.23 25.18
C ASP F 76 23.80 -6.50 26.25
N TYR F 77 22.55 -6.62 25.83
CA TYR F 77 21.43 -6.96 26.71
C TYR F 77 20.53 -8.08 26.18
N VAL F 78 19.86 -8.76 27.10
CA VAL F 78 18.71 -9.58 26.72
C VAL F 78 17.49 -8.68 26.93
N LEU F 79 16.63 -8.65 25.93
CA LEU F 79 15.46 -7.77 25.93
C LEU F 79 14.20 -8.59 25.62
N GLY F 80 13.29 -8.67 26.59
CA GLY F 80 11.99 -9.34 26.37
C GLY F 80 10.90 -8.29 26.32
N CYS F 81 10.10 -8.32 25.25
CA CYS F 81 9.08 -7.29 25.02
C CYS F 81 7.82 -7.89 24.44
N LYS F 82 6.73 -7.14 24.57
CA LYS F 82 5.54 -7.38 23.78
C LYS F 82 5.63 -6.54 22.51
N SER F 83 4.69 -6.74 21.59
CA SER F 83 4.68 -6.05 20.30
CA SER F 83 4.68 -6.05 20.30
C SER F 83 4.90 -4.54 20.41
N GLY F 84 5.69 -3.99 19.50
CA GLY F 84 6.08 -2.58 19.51
C GLY F 84 7.18 -2.26 20.51
N ASN F 85 7.89 -3.29 20.97
CA ASN F 85 8.85 -3.13 22.08
C ASN F 85 8.25 -2.39 23.27
N GLN F 86 7.19 -2.98 23.82
CA GLN F 86 6.49 -2.47 24.97
C GLN F 86 6.51 -3.50 26.07
N ASP F 87 6.22 -3.06 27.29
CA ASP F 87 6.14 -3.92 28.49
C ASP F 87 7.39 -4.79 28.62
N CYS F 88 8.55 -4.14 28.52
CA CYS F 88 9.84 -4.81 28.35
C CYS F 88 10.59 -5.04 29.67
N PHE F 89 11.34 -6.14 29.69
CA PHE F 89 12.39 -6.35 30.69
C PHE F 89 13.75 -6.39 29.99
N VAL F 90 14.79 -6.05 30.75
CA VAL F 90 16.13 -5.95 30.22
C VAL F 90 17.10 -6.48 31.26
N LYS F 91 18.13 -7.19 30.80
CA LYS F 91 19.21 -7.66 31.65
C LYS F 91 20.51 -7.69 30.87
N LEU F 92 21.61 -7.29 31.53
CA LEU F 92 22.93 -7.34 30.92
CA LEU F 92 22.94 -7.35 30.92
C LEU F 92 23.20 -8.77 30.43
N HIS F 93 23.58 -8.90 29.16
CA HIS F 93 23.85 -10.24 28.59
C HIS F 93 25.03 -10.94 29.24
N ASP F 94 26.09 -10.19 29.53
CA ASP F 94 27.25 -10.74 30.23
C ASP F 94 26.91 -11.20 31.66
N GLY F 95 25.75 -10.80 32.16
CA GLY F 95 25.32 -11.17 33.52
C GLY F 95 24.52 -12.44 33.64
N LEU F 96 24.30 -13.14 32.52
CA LEU F 96 23.48 -14.35 32.53
C LEU F 96 24.10 -15.55 33.24
N SER F 97 23.28 -16.21 34.06
CA SER F 97 23.66 -17.47 34.69
C SER F 97 23.41 -18.61 33.71
N GLN F 98 23.97 -19.78 34.03
CA GLN F 98 23.70 -20.99 33.26
C GLN F 98 22.19 -21.28 33.24
N LYS F 99 21.54 -21.07 34.38
CA LYS F 99 20.09 -21.24 34.49
CA LYS F 99 20.09 -21.25 34.48
C LYS F 99 19.34 -20.38 33.47
N GLU F 100 19.71 -19.10 33.39
CA GLU F 100 19.11 -18.18 32.42
C GLU F 100 19.38 -18.59 30.98
N LYS F 101 20.63 -18.98 30.71
CA LYS F 101 20.98 -19.47 29.39
C LYS F 101 20.15 -20.70 28.98
N ASP F 102 19.90 -21.60 29.93
CA ASP F 102 19.06 -22.76 29.67
C ASP F 102 17.61 -22.34 29.39
N LEU F 103 17.09 -21.39 30.17
CA LEU F 103 15.73 -20.84 29.97
C LEU F 103 15.55 -20.22 28.58
N LEU F 104 16.60 -19.57 28.09
CA LEU F 104 16.57 -18.89 26.80
C LEU F 104 16.85 -19.86 25.65
N LYS F 105 17.20 -21.09 26.02
CA LYS F 105 17.60 -22.14 25.06
C LYS F 105 18.73 -21.65 24.16
N GLU F 106 19.75 -21.07 24.79
N GLU F 106 19.76 -21.09 24.80
CA GLU F 106 20.87 -20.44 24.10
CA GLU F 106 20.88 -20.47 24.09
C GLU F 106 21.68 -21.44 23.27
C GLU F 106 21.68 -21.47 23.25
N TYR G 6 -15.60 13.55 49.31
CA TYR G 6 -14.92 14.20 48.14
C TYR G 6 -14.56 13.20 47.05
N CYS G 7 -15.46 12.24 46.81
CA CYS G 7 -15.26 11.23 45.78
C CYS G 7 -16.55 10.97 44.99
N PRO G 8 -16.79 11.76 43.93
CA PRO G 8 -18.03 11.69 43.16
C PRO G 8 -18.18 10.35 42.46
N LYS G 9 -19.42 9.91 42.28
CA LYS G 9 -19.71 8.67 41.56
C LYS G 9 -20.33 8.96 40.20
N MET G 10 -19.86 8.23 39.19
CA MET G 10 -20.39 8.36 37.84
C MET G 10 -21.66 7.53 37.73
N LEU G 11 -22.80 8.22 37.66
CA LEU G 11 -24.11 7.56 37.57
C LEU G 11 -24.38 7.01 36.17
N SER G 12 -24.94 5.80 36.13
CA SER G 12 -25.44 5.21 34.89
C SER G 12 -26.80 5.80 34.57
N GLU G 13 -27.55 6.12 35.63
CA GLU G 13 -28.84 6.79 35.52
C GLU G 13 -29.06 7.68 36.75
N ILE G 14 -29.49 8.91 36.51
CA ILE G 14 -29.93 9.80 37.59
C ILE G 14 -31.39 9.53 37.89
N ARG G 15 -31.65 9.04 39.11
CA ARG G 15 -33.00 8.78 39.59
C ARG G 15 -33.38 9.79 40.65
N GLN G 16 -34.63 9.73 41.12
CA GLN G 16 -35.15 10.66 42.11
C GLN G 16 -34.43 10.53 43.46
N ASP G 18 -31.22 10.04 44.09
CA ASP G 18 -29.96 10.74 43.85
C ASP G 18 -30.15 12.25 44.00
N ILE G 19 -31.22 12.77 43.41
CA ILE G 19 -31.56 14.19 43.44
C ILE G 19 -31.88 14.69 44.86
N ASN G 20 -32.66 13.90 45.59
CA ASN G 20 -33.02 14.25 46.98
C ASN G 20 -31.87 14.08 47.97
N ASP G 21 -30.77 13.49 47.49
CA ASP G 21 -29.55 13.32 48.29
C ASP G 21 -28.64 14.54 48.27
N VAL G 22 -28.91 15.46 47.34
CA VAL G 22 -28.07 16.65 47.17
C VAL G 22 -28.84 17.96 47.38
N GLU G 23 -28.11 19.07 47.39
CA GLU G 23 -28.70 20.40 47.60
C GLU G 23 -28.80 21.18 46.29
N THR G 24 -27.78 21.03 45.43
CA THR G 24 -27.73 21.71 44.14
C THR G 24 -27.50 20.71 42.99
N VAL G 25 -28.15 20.95 41.86
CA VAL G 25 -27.89 20.20 40.64
C VAL G 25 -27.58 21.20 39.53
N ALA G 26 -26.42 21.02 38.90
CA ALA G 26 -25.87 22.02 37.99
C ALA G 26 -25.51 21.43 36.63
N TYR G 27 -25.60 22.29 35.62
CA TYR G 27 -25.06 22.00 34.30
C TYR G 27 -23.66 22.59 34.29
N VAL G 28 -22.66 21.72 34.17
CA VAL G 28 -21.26 22.16 34.25
C VAL G 28 -20.42 21.74 33.03
N THR G 29 -19.36 22.48 32.78
CA THR G 29 -18.35 22.14 31.79
C THR G 29 -16.98 22.05 32.47
N VAL G 30 -16.23 20.99 32.17
CA VAL G 30 -14.85 20.84 32.65
C VAL G 30 -13.95 21.85 31.94
N THR G 31 -13.34 22.75 32.72
CA THR G 31 -12.45 23.78 32.17
C THR G 31 -11.03 23.72 32.74
N GLY G 32 -10.80 22.78 33.65
CA GLY G 32 -9.50 22.60 34.27
C GLY G 32 -9.33 21.22 34.88
N LYS G 33 -8.10 20.72 34.88
CA LYS G 33 -7.79 19.39 35.44
C LYS G 33 -6.49 19.44 36.22
N THR G 34 -6.51 18.84 37.41
CA THR G 34 -5.29 18.51 38.16
C THR G 34 -5.35 17.01 38.46
N ALA G 35 -4.34 16.49 39.15
CA ALA G 35 -4.27 15.07 39.49
C ALA G 35 -5.53 14.54 40.20
N ARG G 36 -6.07 15.34 41.14
CA ARG G 36 -7.22 14.91 41.93
C ARG G 36 -8.36 15.93 42.01
N SER G 37 -8.41 16.86 41.05
CA SER G 37 -9.48 17.87 41.04
C SER G 37 -9.82 18.36 39.63
N TYR G 38 -10.99 18.99 39.52
CA TYR G 38 -11.46 19.60 38.28
C TYR G 38 -11.92 21.03 38.55
N ASN G 39 -11.67 21.91 37.57
CA ASN G 39 -12.30 23.23 37.59
C ASN G 39 -13.51 23.21 36.67
N LEU G 40 -14.63 23.73 37.17
CA LEU G 40 -15.89 23.67 36.43
C LEU G 40 -16.46 25.05 36.16
N GLN G 41 -16.98 25.25 34.96
CA GLN G 41 -17.76 26.44 34.64
C GLN G 41 -19.24 26.11 34.79
N TYR G 42 -19.93 26.92 35.59
CA TYR G 42 -21.35 26.72 35.85
C TYR G 42 -22.20 27.53 34.88
N TRP G 43 -22.95 26.83 34.04
CA TRP G 43 -23.80 27.44 33.02
C TRP G 43 -25.24 27.59 33.49
N ARG G 44 -25.65 26.72 34.42
CA ARG G 44 -27.02 26.69 34.92
C ARG G 44 -27.13 25.82 36.17
N LEU G 45 -27.98 26.26 37.11
CA LEU G 45 -28.36 25.45 38.26
C LEU G 45 -29.82 25.07 38.10
N TYR G 46 -30.09 23.77 38.01
CA TYR G 46 -31.45 23.24 37.86
C TYR G 46 -32.32 23.58 39.08
N ASP G 47 -33.62 23.75 38.86
CA ASP G 47 -34.54 24.12 39.94
C ASP G 47 -34.99 22.90 40.75
N VAL G 48 -34.04 22.00 41.01
CA VAL G 48 -34.28 20.72 41.68
C VAL G 48 -33.03 20.38 42.51
N PRO G 49 -33.20 19.84 43.74
CA PRO G 49 -34.43 19.49 44.47
C PRO G 49 -35.22 20.70 45.00
N LYS G 50 -34.58 21.87 45.01
CA LYS G 50 -35.23 23.13 45.36
C LYS G 50 -34.89 24.18 44.30
N THR G 51 -35.65 25.28 44.30
CA THR G 51 -35.39 26.39 43.38
C THR G 51 -33.96 26.91 43.55
N ALA G 52 -33.28 27.09 42.41
CA ALA G 52 -31.89 27.54 42.39
C ALA G 52 -31.70 28.90 43.09
N PRO G 53 -30.60 29.03 43.87
CA PRO G 53 -30.33 30.25 44.66
C PRO G 53 -30.03 31.49 43.80
N PRO G 57 -22.15 32.35 40.60
CA PRO G 57 -20.79 31.85 40.82
C PRO G 57 -20.27 31.09 39.60
N SER G 58 -19.59 31.81 38.71
CA SER G 58 -19.18 31.31 37.39
C SER G 58 -18.39 30.00 37.39
N PHE G 59 -17.41 29.88 38.27
CA PHE G 59 -16.58 28.68 38.35
C PHE G 59 -16.53 28.09 39.75
N GLY G 60 -16.22 26.79 39.82
CA GLY G 60 -16.08 26.08 41.09
C GLY G 60 -15.17 24.89 40.95
N THR G 61 -14.61 24.45 42.07
CA THR G 61 -13.71 23.31 42.11
C THR G 61 -14.48 22.04 42.47
N LEU G 62 -14.27 20.99 41.69
CA LEU G 62 -14.76 19.66 42.02
C LEU G 62 -13.57 18.77 42.38
N ARG G 63 -13.52 18.32 43.62
CA ARG G 63 -12.46 17.43 44.07
C ARG G 63 -12.80 15.98 43.73
N ASP G 64 -11.77 15.20 43.41
CA ASP G 64 -11.87 13.76 43.28
C ASP G 64 -10.62 13.09 43.84
N ASP G 65 -10.62 12.82 45.14
CA ASP G 65 -9.50 12.17 45.82
C ASP G 65 -9.27 10.75 45.32
N CYS G 66 -10.37 10.07 45.01
CA CYS G 66 -10.38 8.66 44.65
C CYS G 66 -10.07 8.44 43.17
N ILE G 69 -13.92 9.11 39.21
CA ILE G 69 -14.35 9.65 37.92
C ILE G 69 -13.14 10.10 37.08
N GLN G 70 -13.29 10.07 35.77
CA GLN G 70 -12.25 10.54 34.86
C GLN G 70 -12.89 11.43 33.79
N LEU G 71 -13.32 12.61 34.21
CA LEU G 71 -14.01 13.56 33.34
C LEU G 71 -13.09 14.07 32.23
N THR G 72 -13.70 14.49 31.13
CA THR G 72 -12.93 14.88 29.94
C THR G 72 -12.97 16.39 29.67
N ALA G 73 -11.96 16.90 28.95
CA ALA G 73 -11.81 18.33 28.69
C ALA G 73 -12.98 18.95 27.92
N ASP G 74 -13.39 20.15 28.34
CA ASP G 74 -14.45 20.91 27.66
C ASP G 74 -15.69 20.04 27.37
N THR G 75 -16.08 19.26 28.37
CA THR G 75 -17.21 18.34 28.26
C THR G 75 -18.27 18.70 29.29
N ASP G 76 -19.53 18.65 28.86
CA ASP G 76 -20.65 19.05 29.69
C ASP G 76 -21.19 17.90 30.53
N TYR G 77 -21.43 18.18 31.81
CA TYR G 77 -21.96 17.18 32.75
C TYR G 77 -23.11 17.73 33.58
N VAL G 78 -23.97 16.83 34.04
CA VAL G 78 -24.91 17.15 35.10
C VAL G 78 -24.25 16.77 36.42
N LEU G 79 -24.14 17.75 37.31
CA LEU G 79 -23.47 17.56 38.58
C LEU G 79 -24.41 17.89 39.74
N GLY G 80 -24.58 16.93 40.64
CA GLY G 80 -25.37 17.12 41.85
C GLY G 80 -24.47 16.98 43.06
N CYS G 81 -24.46 18.00 43.91
CA CYS G 81 -23.60 18.01 45.10
C CYS G 81 -24.31 18.64 46.29
N LYS G 82 -23.84 18.29 47.48
CA LYS G 82 -24.22 18.99 48.70
C LYS G 82 -23.29 20.20 48.85
N SER G 83 -23.57 21.05 49.83
CA SER G 83 -22.78 22.27 50.05
C SER G 83 -21.28 21.97 50.15
N GLY G 84 -20.48 22.77 49.45
CA GLY G 84 -19.02 22.61 49.44
C GLY G 84 -18.51 21.61 48.41
N ASN G 85 -19.37 21.26 47.46
CA ASN G 85 -19.07 20.29 46.39
C ASN G 85 -18.61 18.91 46.89
N GLN G 86 -19.38 18.34 47.81
CA GLN G 86 -19.08 17.01 48.37
C GLN G 86 -20.28 16.07 48.23
N ASP G 87 -20.02 14.77 48.36
CA ASP G 87 -21.02 13.70 48.17
C ASP G 87 -21.72 13.82 46.81
N CYS G 88 -20.92 14.03 45.78
CA CYS G 88 -21.42 14.37 44.45
C CYS G 88 -21.79 13.15 43.58
N PHE G 89 -22.69 13.37 42.64
CA PHE G 89 -22.90 12.43 41.54
C PHE G 89 -22.67 13.15 40.21
N VAL G 90 -22.20 12.39 39.21
CA VAL G 90 -21.85 12.98 37.91
C VAL G 90 -22.45 12.15 36.78
N LYS G 91 -23.01 12.85 35.79
CA LYS G 91 -23.58 12.22 34.60
C LYS G 91 -23.26 13.02 33.35
N LEU G 92 -22.76 12.33 32.32
CA LEU G 92 -22.50 12.94 31.01
C LEU G 92 -23.81 13.50 30.46
N HIS G 93 -23.85 14.80 30.19
CA HIS G 93 -25.08 15.46 29.73
C HIS G 93 -25.55 14.95 28.37
N ASP G 94 -24.62 14.54 27.51
CA ASP G 94 -24.96 13.97 26.20
C ASP G 94 -25.58 12.58 26.26
N GLY G 95 -25.33 11.85 27.35
CA GLY G 95 -25.91 10.53 27.56
C GLY G 95 -27.17 10.56 28.40
N LEU G 96 -27.96 11.61 28.22
CA LEU G 96 -29.13 11.89 29.05
C LEU G 96 -30.42 11.45 28.34
N SER G 97 -31.27 10.74 29.07
CA SER G 97 -32.55 10.26 28.53
C SER G 97 -33.67 11.26 28.79
N GLN G 98 -34.82 11.04 28.15
CA GLN G 98 -36.00 11.89 28.36
C GLN G 98 -36.47 11.83 29.82
N LYS G 99 -36.54 10.63 30.38
CA LYS G 99 -36.89 10.40 31.78
C LYS G 99 -35.99 11.22 32.73
N GLU G 100 -34.71 11.32 32.37
CA GLU G 100 -33.75 12.11 33.14
C GLU G 100 -34.01 13.62 32.99
N LYS G 101 -34.19 14.07 31.75
CA LYS G 101 -34.54 15.47 31.46
C LYS G 101 -35.77 15.91 32.24
N ASP G 102 -36.78 15.05 32.27
CA ASP G 102 -38.04 15.33 32.97
C ASP G 102 -37.84 15.54 34.49
N LEU G 103 -36.95 14.74 35.10
CA LEU G 103 -36.60 14.90 36.51
C LEU G 103 -35.85 16.21 36.78
N LEU G 104 -35.04 16.62 35.81
CA LEU G 104 -34.24 17.84 35.91
C LEU G 104 -35.06 19.10 35.61
N LYS G 105 -36.17 18.91 34.89
CA LYS G 105 -37.02 20.01 34.41
C LYS G 105 -36.25 21.01 33.55
C1 MPD H . -18.09 -31.91 -1.03
C2 MPD H . -19.18 -32.10 0.03
O2 MPD H . -20.25 -32.89 -0.52
CM MPD H . -18.57 -32.83 1.24
C3 MPD H . -19.72 -30.76 0.54
C4 MPD H . -20.68 -30.10 -0.42
O4 MPD H . -20.17 -28.79 -0.69
C5 MPD H . -22.04 -30.04 0.22
N1 EPE I . 10.18 1.14 11.37
C2 EPE I . 9.98 2.04 12.50
C3 EPE I . 9.17 3.23 11.99
N4 EPE I . 9.60 3.72 10.70
C5 EPE I . 10.58 3.01 9.86
C6 EPE I . 11.19 1.75 10.47
C7 EPE I . 8.98 4.93 10.18
C8 EPE I . 10.00 5.90 9.58
O8 EPE I . 10.08 5.71 8.18
C9 EPE I . 10.50 -0.24 11.77
C10 EPE I . 9.58 -1.15 10.95
S EPE I . 9.01 -2.69 11.72
O1S EPE I . 7.83 -2.47 12.55
O2S EPE I . 10.08 -3.26 12.54
O3S EPE I . 8.65 -3.63 10.66
#